data_2WXV
#
_entry.id   2WXV
#
_cell.length_a   185.513
_cell.length_b   185.513
_cell.length_c   215.180
_cell.angle_alpha   90.00
_cell.angle_beta   90.00
_cell.angle_gamma   120.00
#
_symmetry.space_group_name_H-M   'P 62 2 2'
#
loop_
_entity.id
_entity.type
_entity.pdbx_description
1 polymer 'CELL DIVISION PROTEIN KINASE 2'
2 polymer CYCLIN-A2
3 non-polymer N,1-DIMETHYL-8-{[1-(METHYLSULFONYL)PIPERIDIN-4-YL]AMINO}-1H-PYRAZOLO[4,3-H]QUINAZOLINE-3-CARBOXAMIDE
4 non-polymer 'SULFATE ION'
5 water water
#
loop_
_entity_poly.entity_id
_entity_poly.type
_entity_poly.pdbx_seq_one_letter_code
_entity_poly.pdbx_strand_id
1 'polypeptide(L)'
;GPLVDMENFQKVEKIGEGTYGVVYKARNKLTGEVVALKKIRLDTETEGVPSTAIREISLLKELNHPNIVKLLDVIHTENK
LYLVFEFLHQDLKKFMDASALTGIPLPLIKSYLFQLLQGLAFCHSHRVLHRDLKPQNLLINTEGAIKLADFGLARAFGVP
VRTYTHEVVTLWYRAPEILLGCKYYSTAVDIWSLGCIFAEMVTRRALFPGDSEIDQLFRIFRTLGTPDEVVWPGVTSMPD
YKPSFPKWARQDFSKVVPPLDEDGRSLLSQMLHYDPNKRISAKAALAHPFFQDVTKPVPHLRLERPHRD
;
A,C
2 'polypeptide(L)'
;GPLGSNEVPDYHEDIHTYLREMEVKCKPKVGYMKKQPDITNSMRAILVDWLVEVGEEYKLQNETLHLAVNYIDRFLSSMS
VLRGKLQLVGTAAMLLASKFEEIYPPEVAEFVYITDDTYTKKQVLRMEHLVLKVLTFDLAAPTVNQFLTQYFLHQQPANC
KVESLAMFLGELSLIDADPYLKYLPSVIAGAAFHLALYTVTGQSWPESLIRKTGYTLESLKPCLMDLHQTYLKAPQHAQQ
SIREKYKNSKYHGVSLLNPPETLNL
;
B,D
#
loop_
_chem_comp.id
_chem_comp.type
_chem_comp.name
_chem_comp.formula
SO4 non-polymer 'SULFATE ION' 'O4 S -2'
WXV non-polymer N,1-DIMETHYL-8-{[1-(METHYLSULFONYL)PIPERIDIN-4-YL]AMINO}-1H-PYRAZOLO[4,3-H]QUINAZOLINE-3-CARBOXAMIDE 'C18 H23 N7 O3 S'
#
# COMPACT_ATOMS: atom_id res chain seq x y z
N PRO A 2 1.00 -12.06 12.44
CA PRO A 2 -0.20 -12.78 11.92
C PRO A 2 -0.95 -13.56 13.01
N LEU A 3 -0.22 -14.02 14.03
CA LEU A 3 -0.85 -14.76 15.12
C LEU A 3 -1.20 -13.83 16.29
N VAL A 4 -0.63 -12.62 16.27
CA VAL A 4 -1.02 -11.57 17.20
C VAL A 4 -2.39 -11.03 16.82
N ASP A 5 -2.66 -10.97 15.51
CA ASP A 5 -3.98 -10.58 15.02
C ASP A 5 -5.05 -11.54 15.54
N MET A 6 -4.82 -12.84 15.39
CA MET A 6 -5.74 -13.86 15.89
C MET A 6 -6.03 -13.73 17.40
N GLU A 7 -5.00 -13.30 18.13
CA GLU A 7 -5.09 -13.16 19.58
C GLU A 7 -5.88 -11.91 19.96
N ASN A 8 -5.99 -10.97 19.03
CA ASN A 8 -6.76 -9.75 19.28
C ASN A 8 -8.26 -9.98 19.19
N PHE A 9 -8.66 -11.14 18.71
CA PHE A 9 -10.07 -11.43 18.58
C PHE A 9 -10.62 -12.32 19.67
N GLN A 10 -11.74 -11.90 20.23
CA GLN A 10 -12.49 -12.70 21.19
C GLN A 10 -13.65 -13.35 20.44
N LYS A 11 -13.73 -14.68 20.47
CA LYS A 11 -14.86 -15.35 19.83
C LYS A 11 -16.08 -15.13 20.71
N VAL A 12 -17.19 -14.73 20.09
CA VAL A 12 -18.43 -14.53 20.82
C VAL A 12 -19.41 -15.70 20.65
N GLU A 13 -19.74 -16.04 19.40
CA GLU A 13 -20.56 -17.21 19.12
C GLU A 13 -20.52 -17.61 17.64
N LYS A 14 -20.85 -18.88 17.37
CA LYS A 14 -20.91 -19.38 16.00
C LYS A 14 -22.15 -18.83 15.28
N ILE A 15 -21.95 -18.28 14.09
CA ILE A 15 -23.08 -17.75 13.33
C ILE A 15 -23.22 -18.37 11.93
N GLY A 16 -22.38 -19.36 11.63
CA GLY A 16 -22.42 -19.96 10.30
C GLY A 16 -21.53 -21.19 10.16
N GLU A 17 -22.08 -22.21 9.51
CA GLU A 17 -21.39 -23.48 9.30
C GLU A 17 -21.56 -23.87 7.84
N GLY A 18 -20.53 -24.46 7.26
CA GLY A 18 -20.68 -24.97 5.90
C GLY A 18 -19.48 -25.77 5.47
N THR A 19 -19.53 -26.27 4.24
CA THR A 19 -18.40 -26.99 3.67
C THR A 19 -17.14 -26.15 3.79
N TYR A 20 -17.30 -24.85 3.61
CA TYR A 20 -16.19 -23.91 3.65
C TYR A 20 -15.50 -23.88 5.02
N GLY A 21 -16.29 -24.10 6.07
CA GLY A 21 -15.78 -23.96 7.41
C GLY A 21 -16.78 -23.28 8.33
N VAL A 22 -16.30 -22.40 9.20
CA VAL A 22 -17.17 -21.78 10.19
C VAL A 22 -17.04 -20.25 10.23
N VAL A 23 -18.13 -19.59 10.58
CA VAL A 23 -18.08 -18.15 10.81
C VAL A 23 -18.49 -17.87 12.24
N TYR A 24 -17.72 -17.02 12.91
CA TYR A 24 -18.00 -16.61 14.29
C TYR A 24 -18.32 -15.13 14.31
N LYS A 25 -19.26 -14.73 15.15
CA LYS A 25 -19.30 -13.35 15.59
C LYS A 25 -18.12 -13.22 16.52
N ALA A 26 -17.41 -12.10 16.45
CA ALA A 26 -16.28 -11.90 17.31
C ALA A 26 -16.02 -10.42 17.56
N ARG A 27 -15.32 -10.14 18.65
CA ARG A 27 -15.03 -8.78 19.06
C ARG A 27 -13.53 -8.54 18.99
N ASN A 28 -13.13 -7.40 18.44
CA ASN A 28 -11.73 -6.97 18.57
C ASN A 28 -11.47 -6.47 20.00
N LYS A 29 -10.56 -7.13 20.71
CA LYS A 29 -10.31 -6.81 22.12
C LYS A 29 -9.73 -5.42 22.36
N LEU A 30 -9.06 -4.84 21.35
CA LEU A 30 -8.42 -3.54 21.53
C LEU A 30 -9.26 -2.34 21.09
N THR A 31 -10.07 -2.52 20.06
CA THR A 31 -10.86 -1.40 19.52
C THR A 31 -12.34 -1.52 19.87
N GLY A 32 -12.78 -2.75 20.17
CA GLY A 32 -14.18 -2.95 20.49
C GLY A 32 -15.02 -3.33 19.27
N GLU A 33 -14.42 -3.29 18.09
CA GLU A 33 -15.17 -3.55 16.88
C GLU A 33 -15.82 -4.94 16.90
N VAL A 34 -17.07 -5.01 16.49
CA VAL A 34 -17.71 -6.29 16.29
C VAL A 34 -17.60 -6.69 14.83
N VAL A 35 -17.42 -7.98 14.61
CA VAL A 35 -16.84 -8.46 13.37
C VAL A 35 -17.35 -9.89 13.11
N ALA A 36 -17.39 -10.28 11.84
CA ALA A 36 -17.65 -11.68 11.52
C ALA A 36 -16.36 -12.34 11.04
N LEU A 37 -15.99 -13.42 11.71
CA LEU A 37 -14.72 -14.12 11.46
C LEU A 37 -14.98 -15.42 10.73
N LYS A 38 -14.61 -15.53 9.47
CA LYS A 38 -14.72 -16.81 8.79
C LYS A 38 -13.42 -17.60 8.88
N LYS A 39 -13.55 -18.85 9.32
CA LYS A 39 -12.41 -19.73 9.51
C LYS A 39 -12.45 -20.78 8.41
N ILE A 40 -11.46 -20.73 7.52
CA ILE A 40 -11.23 -21.79 6.56
C ILE A 40 -10.10 -22.66 7.08
N ARG A 41 -10.30 -23.97 7.15
CA ARG A 41 -9.20 -24.85 7.55
C ARG A 41 -8.47 -25.38 6.32
N LEU A 42 -7.14 -25.33 6.36
CA LEU A 42 -6.31 -25.69 5.22
C LEU A 42 -5.79 -27.13 5.32
N ASP A 43 -5.50 -27.57 6.54
CA ASP A 43 -4.97 -28.92 6.75
C ASP A 43 -5.93 -30.00 6.30
N THR A 44 -7.17 -29.60 6.05
CA THR A 44 -8.25 -30.55 5.79
C THR A 44 -8.10 -31.27 4.44
N GLU A 45 -7.67 -30.55 3.41
CA GLU A 45 -7.38 -31.17 2.13
C GLU A 45 -6.21 -30.48 1.44
N THR A 46 -5.01 -30.92 1.78
CA THR A 46 -3.80 -30.21 1.35
C THR A 46 -3.73 -30.07 -0.17
N GLU A 47 -4.34 -29.01 -0.65
CA GLU A 47 -4.23 -28.59 -2.04
C GLU A 47 -3.99 -27.09 -2.06
N GLY A 48 -3.53 -26.56 -0.92
CA GLY A 48 -3.18 -25.16 -0.84
C GLY A 48 -4.38 -24.35 -0.39
N VAL A 49 -4.35 -23.05 -0.62
CA VAL A 49 -5.54 -22.24 -0.38
C VAL A 49 -6.64 -22.59 -1.37
N PRO A 50 -7.85 -22.84 -0.87
CA PRO A 50 -9.00 -23.17 -1.72
C PRO A 50 -9.26 -22.12 -2.79
N SER A 51 -9.77 -22.57 -3.94
CA SER A 51 -10.10 -21.69 -5.06
C SER A 51 -11.18 -20.68 -4.72
N THR A 52 -12.22 -21.13 -4.02
CA THR A 52 -13.28 -20.23 -3.56
C THR A 52 -12.73 -19.08 -2.73
N ALA A 53 -11.78 -19.38 -1.85
CA ALA A 53 -11.15 -18.36 -1.01
C ALA A 53 -10.25 -17.42 -1.81
N ILE A 54 -9.45 -17.99 -2.72
CA ILE A 54 -8.66 -17.19 -3.65
C ILE A 54 -9.56 -16.20 -4.38
N ARG A 55 -10.71 -16.69 -4.85
CA ARG A 55 -11.57 -15.84 -5.68
C ARG A 55 -12.32 -14.82 -4.84
N GLU A 56 -12.80 -15.24 -3.67
CA GLU A 56 -13.59 -14.33 -2.85
C GLU A 56 -12.75 -13.17 -2.34
N ILE A 57 -11.57 -13.48 -1.82
CA ILE A 57 -10.72 -12.44 -1.27
C ILE A 57 -10.38 -11.41 -2.34
N SER A 58 -9.82 -11.85 -3.46
CA SER A 58 -9.34 -10.92 -4.48
C SER A 58 -10.46 -10.09 -5.08
N LEU A 59 -11.62 -10.71 -5.28
CA LEU A 59 -12.73 -9.98 -5.88
C LEU A 59 -13.38 -9.05 -4.87
N LEU A 60 -13.53 -9.53 -3.64
CA LEU A 60 -14.24 -8.75 -2.64
C LEU A 60 -13.48 -7.48 -2.24
N LYS A 61 -12.15 -7.53 -2.27
CA LYS A 61 -11.42 -6.34 -1.89
C LYS A 61 -11.36 -5.28 -2.98
N GLU A 62 -11.87 -5.59 -4.17
CA GLU A 62 -12.09 -4.55 -5.19
C GLU A 62 -13.44 -3.88 -4.98
N LEU A 63 -14.34 -4.58 -4.30
CA LEU A 63 -15.73 -4.17 -4.27
C LEU A 63 -16.06 -3.50 -2.95
N ASN A 64 -15.90 -2.19 -2.90
CA ASN A 64 -16.32 -1.46 -1.74
C ASN A 64 -17.61 -0.71 -2.07
N HIS A 65 -18.68 -1.11 -1.41
CA HIS A 65 -19.99 -0.53 -1.67
C HIS A 65 -20.86 -0.75 -0.43
N PRO A 66 -21.73 0.21 -0.13
CA PRO A 66 -22.62 0.07 1.03
C PRO A 66 -23.52 -1.16 1.00
N ASN A 67 -23.85 -1.64 -0.21
CA ASN A 67 -24.68 -2.83 -0.33
C ASN A 67 -23.92 -4.11 -0.68
N ILE A 68 -22.62 -4.11 -0.39
CA ILE A 68 -21.83 -5.34 -0.49
C ILE A 68 -21.08 -5.53 0.82
N VAL A 69 -21.16 -6.72 1.39
CA VAL A 69 -20.58 -6.96 2.71
C VAL A 69 -19.07 -6.67 2.68
N LYS A 70 -18.59 -5.82 3.59
CA LYS A 70 -17.20 -5.38 3.58
C LYS A 70 -16.24 -6.44 4.13
N LEU A 71 -15.17 -6.72 3.37
CA LEU A 71 -14.09 -7.59 3.84
C LEU A 71 -13.04 -6.70 4.49
N LEU A 72 -12.79 -6.91 5.77
CA LEU A 72 -12.01 -5.96 6.56
C LEU A 72 -10.55 -6.36 6.62
N ASP A 73 -10.29 -7.67 6.55
CA ASP A 73 -8.95 -8.18 6.78
C ASP A 73 -8.84 -9.66 6.41
N VAL A 74 -7.61 -10.10 6.15
CA VAL A 74 -7.33 -11.50 5.89
C VAL A 74 -6.11 -11.91 6.73
N ILE A 75 -6.23 -13.00 7.47
CA ILE A 75 -5.12 -13.48 8.27
C ILE A 75 -4.75 -14.88 7.79
N HIS A 76 -3.53 -15.00 7.27
CA HIS A 76 -3.09 -16.20 6.57
C HIS A 76 -1.89 -16.78 7.28
N THR A 77 -2.12 -17.74 8.16
CA THR A 77 -1.03 -18.39 8.90
C THR A 77 -0.61 -19.71 8.24
N GLU A 78 -0.04 -20.59 9.06
CA GLU A 78 0.50 -21.86 8.56
C GLU A 78 -0.63 -22.76 8.07
N ASN A 79 -1.68 -22.87 8.88
CA ASN A 79 -2.69 -23.90 8.69
C ASN A 79 -4.09 -23.31 8.74
N LYS A 80 -4.19 -22.08 9.21
CA LYS A 80 -5.47 -21.39 9.26
C LYS A 80 -5.51 -20.22 8.29
N LEU A 81 -6.67 -20.00 7.67
CA LEU A 81 -6.91 -18.80 6.89
C LEU A 81 -8.20 -18.13 7.37
N TYR A 82 -8.11 -16.87 7.78
CA TYR A 82 -9.27 -16.15 8.32
C TYR A 82 -9.67 -14.99 7.44
N LEU A 83 -10.97 -14.84 7.21
CA LEU A 83 -11.48 -13.66 6.54
C LEU A 83 -12.28 -12.87 7.57
N VAL A 84 -12.00 -11.57 7.67
CA VAL A 84 -12.68 -10.72 8.64
C VAL A 84 -13.68 -9.82 7.92
N PHE A 85 -14.97 -10.03 8.18
CA PHE A 85 -16.01 -9.24 7.55
C PHE A 85 -16.65 -8.29 8.57
N GLU A 86 -17.18 -7.18 8.11
CA GLU A 86 -18.12 -6.43 8.94
C GLU A 86 -19.21 -7.42 9.40
N PHE A 87 -19.85 -7.15 10.53
CA PHE A 87 -20.89 -8.03 11.06
C PHE A 87 -22.29 -7.45 10.82
N LEU A 88 -23.20 -8.27 10.32
CA LEU A 88 -24.61 -7.89 10.20
C LEU A 88 -25.52 -8.79 11.03
N HIS A 89 -26.75 -8.33 11.28
CA HIS A 89 -27.55 -8.91 12.35
C HIS A 89 -28.27 -10.18 11.96
N GLN A 90 -28.68 -10.28 10.70
CA GLN A 90 -29.56 -11.36 10.27
C GLN A 90 -29.43 -11.55 8.76
N ASP A 91 -29.78 -12.74 8.28
CA ASP A 91 -29.93 -12.92 6.83
C ASP A 91 -31.39 -12.95 6.39
N LEU A 92 -31.60 -12.69 5.11
CA LEU A 92 -32.95 -12.51 4.59
C LEU A 92 -33.78 -13.78 4.67
N LYS A 93 -33.14 -14.93 4.70
CA LYS A 93 -33.92 -16.15 4.79
C LYS A 93 -34.64 -16.21 6.14
N LYS A 94 -33.90 -15.94 7.22
CA LYS A 94 -34.48 -15.99 8.56
C LYS A 94 -35.56 -14.93 8.71
N PHE A 95 -35.31 -13.76 8.15
CA PHE A 95 -36.25 -12.67 8.24
C PHE A 95 -37.55 -12.97 7.46
N MET A 96 -37.42 -13.59 6.30
CA MET A 96 -38.60 -13.96 5.51
C MET A 96 -39.43 -14.97 6.27
N ASP A 97 -38.74 -15.89 6.93
CA ASP A 97 -39.37 -16.91 7.74
C ASP A 97 -40.08 -16.30 8.95
N ALA A 98 -39.40 -15.38 9.64
CA ALA A 98 -39.97 -14.68 10.77
C ALA A 98 -41.18 -13.81 10.39
N SER A 99 -41.28 -13.47 9.10
CA SER A 99 -42.35 -12.60 8.62
C SER A 99 -43.55 -13.35 8.03
N ALA A 100 -43.54 -14.68 8.13
CA ALA A 100 -44.51 -15.49 7.41
C ALA A 100 -45.94 -15.09 7.71
N LEU A 101 -46.26 -14.90 8.99
CA LEU A 101 -47.61 -14.56 9.40
C LEU A 101 -48.00 -13.18 8.92
N THR A 102 -47.09 -12.22 9.09
CA THR A 102 -47.42 -10.82 8.84
C THR A 102 -47.13 -10.39 7.40
N GLY A 103 -46.18 -11.04 6.75
CA GLY A 103 -45.71 -10.56 5.45
C GLY A 103 -44.74 -9.42 5.65
N ILE A 104 -43.81 -9.26 4.72
CA ILE A 104 -42.92 -8.11 4.75
C ILE A 104 -43.62 -6.93 4.07
N PRO A 105 -43.70 -5.78 4.75
CA PRO A 105 -44.37 -4.59 4.20
C PRO A 105 -43.81 -4.26 2.83
N LEU A 106 -44.67 -3.86 1.90
CA LEU A 106 -44.21 -3.60 0.53
C LEU A 106 -43.14 -2.51 0.41
N PRO A 107 -43.20 -1.47 1.25
CA PRO A 107 -42.15 -0.45 1.10
C PRO A 107 -40.78 -0.97 1.50
N LEU A 108 -40.74 -1.92 2.43
CA LEU A 108 -39.47 -2.53 2.78
C LEU A 108 -38.99 -3.47 1.68
N ILE A 109 -39.91 -4.17 1.03
CA ILE A 109 -39.56 -4.98 -0.12
C ILE A 109 -38.94 -4.10 -1.21
N LYS A 110 -39.58 -2.97 -1.47
CA LYS A 110 -39.08 -2.07 -2.47
C LYS A 110 -37.68 -1.59 -2.10
N SER A 111 -37.47 -1.27 -0.84
CA SER A 111 -36.17 -0.75 -0.41
C SER A 111 -35.09 -1.81 -0.56
N TYR A 112 -35.41 -3.05 -0.22
CA TYR A 112 -34.44 -4.11 -0.28
C TYR A 112 -34.05 -4.38 -1.72
N LEU A 113 -35.04 -4.48 -2.60
CA LEU A 113 -34.75 -4.82 -4.00
C LEU A 113 -33.92 -3.71 -4.62
N PHE A 114 -34.25 -2.47 -4.28
CA PHE A 114 -33.50 -1.31 -4.74
C PHE A 114 -32.01 -1.42 -4.34
N GLN A 115 -31.77 -1.72 -3.07
CA GLN A 115 -30.42 -1.82 -2.55
C GLN A 115 -29.65 -3.00 -3.14
N LEU A 116 -30.34 -4.12 -3.36
CA LEU A 116 -29.69 -5.29 -3.93
C LEU A 116 -29.28 -5.01 -5.38
N LEU A 117 -30.17 -4.34 -6.12
CA LEU A 117 -29.84 -3.93 -7.49
C LEU A 117 -28.66 -2.97 -7.55
N GLN A 118 -28.54 -2.09 -6.56
CA GLN A 118 -27.38 -1.19 -6.51
C GLN A 118 -26.08 -1.95 -6.25
N GLY A 119 -26.14 -2.93 -5.35
CA GLY A 119 -24.99 -3.77 -5.11
C GLY A 119 -24.65 -4.56 -6.35
N LEU A 120 -25.64 -5.18 -6.97
CA LEU A 120 -25.39 -6.03 -8.13
C LEU A 120 -24.87 -5.19 -9.30
N ALA A 121 -25.44 -4.01 -9.49
CA ALA A 121 -25.01 -3.11 -10.55
C ALA A 121 -23.54 -2.80 -10.38
N PHE A 122 -23.15 -2.56 -9.14
CA PHE A 122 -21.77 -2.29 -8.80
C PHE A 122 -20.88 -3.49 -9.11
N CYS A 123 -21.29 -4.67 -8.65
CA CYS A 123 -20.55 -5.90 -8.96
C CYS A 123 -20.33 -6.00 -10.47
N HIS A 124 -21.41 -5.88 -11.21
CA HIS A 124 -21.38 -6.16 -12.64
C HIS A 124 -20.53 -5.15 -13.40
N SER A 125 -20.60 -3.90 -13.01
CA SER A 125 -19.85 -2.88 -13.73
C SER A 125 -18.38 -2.93 -13.30
N HIS A 126 -18.06 -3.84 -12.37
CA HIS A 126 -16.68 -4.18 -12.06
C HIS A 126 -16.34 -5.60 -12.49
N ARG A 127 -17.07 -6.07 -13.50
CA ARG A 127 -16.94 -7.40 -14.07
C ARG A 127 -16.84 -8.53 -13.07
N VAL A 128 -17.62 -8.45 -12.00
CA VAL A 128 -17.83 -9.61 -11.13
C VAL A 128 -19.25 -10.18 -11.25
N LEU A 129 -19.35 -11.48 -11.51
CA LEU A 129 -20.63 -12.20 -11.44
C LEU A 129 -20.74 -12.79 -10.06
N HIS A 130 -21.90 -12.66 -9.43
CA HIS A 130 -22.07 -13.22 -8.10
C HIS A 130 -22.36 -14.71 -8.16
N ARG A 131 -23.45 -15.08 -8.84
CA ARG A 131 -23.72 -16.47 -9.20
C ARG A 131 -24.29 -17.32 -8.08
N ASP A 132 -24.57 -16.73 -6.93
CA ASP A 132 -25.13 -17.51 -5.83
C ASP A 132 -26.09 -16.67 -5.02
N LEU A 133 -26.92 -15.89 -5.71
CA LEU A 133 -27.84 -15.01 -5.02
C LEU A 133 -29.07 -15.79 -4.55
N LYS A 134 -29.20 -15.90 -3.24
CA LYS A 134 -30.34 -16.54 -2.62
C LYS A 134 -30.53 -15.93 -1.24
N PRO A 135 -31.76 -15.97 -0.71
CA PRO A 135 -32.12 -15.24 0.52
C PRO A 135 -31.11 -15.33 1.67
N GLN A 136 -30.54 -16.52 1.89
CA GLN A 136 -29.66 -16.67 3.03
C GLN A 136 -28.24 -16.15 2.81
N ASN A 137 -27.93 -15.73 1.58
CA ASN A 137 -26.66 -15.04 1.31
C ASN A 137 -26.83 -13.50 1.30
N LEU A 138 -28.02 -13.03 1.61
CA LEU A 138 -28.30 -11.60 1.70
C LEU A 138 -28.46 -11.17 3.18
N LEU A 139 -27.61 -10.24 3.62
CA LEU A 139 -27.52 -9.89 5.02
C LEU A 139 -28.15 -8.53 5.31
N ILE A 140 -28.91 -8.46 6.40
CA ILE A 140 -29.60 -7.23 6.77
C ILE A 140 -29.26 -6.75 8.20
N ASN A 141 -29.38 -5.44 8.42
CA ASN A 141 -29.22 -4.89 9.76
C ASN A 141 -30.48 -4.15 10.21
N THR A 142 -30.47 -3.58 11.41
CA THR A 142 -31.68 -3.01 11.99
C THR A 142 -32.01 -1.64 11.42
N GLU A 143 -31.03 -1.02 10.77
CA GLU A 143 -31.23 0.31 10.20
C GLU A 143 -31.87 0.25 8.81
N GLY A 144 -32.01 -0.96 8.28
CA GLY A 144 -32.76 -1.14 7.05
C GLY A 144 -31.91 -1.34 5.81
N ALA A 145 -30.63 -1.58 6.00
CA ALA A 145 -29.75 -1.87 4.86
C ALA A 145 -29.80 -3.37 4.58
N ILE A 146 -29.53 -3.74 3.34
CA ILE A 146 -29.33 -5.14 2.98
C ILE A 146 -28.07 -5.22 2.11
N LYS A 147 -27.33 -6.34 2.20
CA LYS A 147 -26.04 -6.44 1.51
C LYS A 147 -25.76 -7.81 0.90
N LEU A 148 -25.11 -7.82 -0.25
CA LEU A 148 -24.66 -9.07 -0.86
C LEU A 148 -23.52 -9.65 -0.06
N ALA A 149 -23.56 -10.95 0.19
CA ALA A 149 -22.46 -11.63 0.84
C ALA A 149 -22.30 -13.01 0.20
N ASP A 150 -21.30 -13.75 0.68
CA ASP A 150 -20.97 -15.08 0.17
C ASP A 150 -20.54 -15.07 -1.30
N PHE A 151 -19.33 -14.61 -1.56
CA PHE A 151 -18.77 -14.59 -2.91
C PHE A 151 -17.92 -15.81 -3.20
N GLY A 152 -18.25 -16.93 -2.55
CA GLY A 152 -17.54 -18.18 -2.79
C GLY A 152 -17.66 -18.74 -4.18
N LEU A 153 -18.69 -18.34 -4.92
CA LEU A 153 -18.85 -18.77 -6.30
C LEU A 153 -18.62 -17.64 -7.28
N ALA A 154 -18.24 -16.47 -6.78
CA ALA A 154 -18.14 -15.30 -7.64
C ALA A 154 -17.01 -15.50 -8.64
N ARG A 155 -17.07 -14.80 -9.78
CA ARG A 155 -16.09 -14.94 -10.85
C ARG A 155 -15.93 -13.63 -11.59
N ALA A 156 -14.70 -13.29 -11.97
CA ALA A 156 -14.46 -12.12 -12.80
C ALA A 156 -14.79 -12.51 -14.23
N PHE A 157 -15.44 -11.64 -14.99
CA PHE A 157 -15.73 -11.97 -16.37
C PHE A 157 -15.18 -10.97 -17.41
N GLY A 158 -13.98 -10.44 -17.17
CA GLY A 158 -13.29 -9.68 -18.20
C GLY A 158 -13.06 -10.58 -19.41
N VAL A 159 -13.06 -11.88 -19.15
CA VAL A 159 -13.10 -12.92 -20.16
C VAL A 159 -14.24 -13.89 -19.78
N PRO A 160 -15.03 -14.33 -20.77
CA PRO A 160 -16.25 -15.11 -20.55
C PRO A 160 -16.15 -16.35 -19.65
N VAL A 161 -17.08 -16.44 -18.69
CA VAL A 161 -17.08 -17.47 -17.67
C VAL A 161 -17.81 -18.74 -18.07
N ARG A 162 -17.09 -19.85 -18.06
CA ARG A 162 -17.62 -21.14 -18.50
C ARG A 162 -18.54 -21.77 -17.44
N THR A 163 -19.44 -22.64 -17.86
CA THR A 163 -20.41 -23.22 -16.94
C THR A 163 -19.98 -24.55 -16.33
N TYR A 164 -20.05 -24.64 -15.01
CA TYR A 164 -19.58 -25.83 -14.29
C TYR A 164 -20.72 -26.54 -13.58
N THR A 165 -20.84 -27.84 -13.86
CA THR A 165 -21.87 -28.70 -13.29
C THR A 165 -21.92 -28.61 -11.77
N HIS A 166 -20.74 -28.55 -11.14
CA HIS A 166 -20.60 -28.71 -9.69
C HIS A 166 -20.60 -27.40 -8.90
N GLU A 167 -20.57 -26.27 -9.60
CA GLU A 167 -20.58 -24.96 -8.95
C GLU A 167 -21.75 -24.12 -9.42
N VAL A 168 -22.95 -24.45 -8.95
CA VAL A 168 -24.14 -23.73 -9.39
C VAL A 168 -25.00 -23.25 -8.22
N VAL A 169 -25.74 -22.16 -8.46
CA VAL A 169 -26.77 -21.68 -7.53
C VAL A 169 -27.65 -22.85 -7.09
N THR A 170 -28.17 -22.78 -5.86
CA THR A 170 -29.14 -23.77 -5.46
C THR A 170 -30.33 -23.72 -6.42
N LEU A 171 -30.98 -24.86 -6.61
CA LEU A 171 -31.92 -25.05 -7.72
C LEU A 171 -32.98 -23.95 -7.88
N TRP A 172 -33.63 -23.57 -6.79
CA TRP A 172 -34.79 -22.68 -6.87
C TRP A 172 -34.51 -21.32 -7.52
N TYR A 173 -33.26 -20.93 -7.56
CA TYR A 173 -32.93 -19.57 -7.98
C TYR A 173 -32.10 -19.59 -9.26
N ARG A 174 -32.02 -20.78 -9.83
CA ARG A 174 -31.21 -21.04 -11.00
C ARG A 174 -31.89 -20.60 -12.30
N ALA A 175 -31.20 -19.78 -13.07
CA ALA A 175 -31.75 -19.22 -14.30
C ALA A 175 -31.98 -20.30 -15.36
N PRO A 176 -32.94 -20.08 -16.27
CA PRO A 176 -33.27 -21.09 -17.28
C PRO A 176 -32.14 -21.38 -18.27
N GLU A 177 -31.34 -20.37 -18.60
CA GLU A 177 -30.15 -20.58 -19.45
C GLU A 177 -29.30 -21.71 -18.91
N ILE A 178 -29.10 -21.69 -17.60
CA ILE A 178 -28.20 -22.65 -16.97
C ILE A 178 -28.83 -24.03 -17.01
N LEU A 179 -30.14 -24.09 -16.74
CA LEU A 179 -30.84 -25.38 -16.73
C LEU A 179 -30.86 -25.97 -18.14
N LEU A 180 -30.95 -25.13 -19.16
CA LEU A 180 -31.00 -25.59 -20.54
C LEU A 180 -29.61 -25.85 -21.09
N GLY A 181 -28.60 -25.70 -20.22
CA GLY A 181 -27.28 -26.22 -20.52
C GLY A 181 -26.35 -25.37 -21.36
N CYS A 182 -26.57 -24.06 -21.42
CA CYS A 182 -25.70 -23.24 -22.25
C CYS A 182 -24.28 -23.10 -21.69
N LYS A 183 -23.40 -22.50 -22.49
CA LYS A 183 -21.96 -22.68 -22.34
C LYS A 183 -21.35 -21.69 -21.36
N TYR A 184 -21.82 -20.45 -21.42
CA TYR A 184 -21.27 -19.38 -20.60
C TYR A 184 -22.32 -18.72 -19.68
N TYR A 185 -21.90 -18.32 -18.49
CA TYR A 185 -22.76 -17.49 -17.62
C TYR A 185 -22.80 -16.09 -18.21
N SER A 186 -23.71 -15.27 -17.71
CA SER A 186 -23.69 -13.84 -18.02
C SER A 186 -24.35 -13.11 -16.85
N THR A 187 -24.26 -11.79 -16.83
CA THR A 187 -24.85 -11.02 -15.74
C THR A 187 -26.36 -11.31 -15.55
N ALA A 188 -26.97 -12.00 -16.51
CA ALA A 188 -28.40 -12.25 -16.47
C ALA A 188 -28.80 -13.26 -15.40
N VAL A 189 -27.91 -14.20 -15.09
CA VAL A 189 -28.24 -15.20 -14.08
C VAL A 189 -28.47 -14.54 -12.72
N ASP A 190 -27.78 -13.43 -12.44
CA ASP A 190 -27.92 -12.75 -11.16
C ASP A 190 -29.25 -11.99 -11.06
N ILE A 191 -29.67 -11.36 -12.16
CA ILE A 191 -30.97 -10.72 -12.23
C ILE A 191 -32.12 -11.73 -12.09
N TRP A 192 -31.97 -12.92 -12.67
CA TRP A 192 -33.00 -13.94 -12.54
C TRP A 192 -33.22 -14.30 -11.07
N SER A 193 -32.13 -14.53 -10.34
CA SER A 193 -32.22 -14.87 -8.93
C SER A 193 -32.92 -13.76 -8.16
N LEU A 194 -32.56 -12.52 -8.48
CA LEU A 194 -33.13 -11.39 -7.77
C LEU A 194 -34.63 -11.33 -8.02
N GLY A 195 -35.01 -11.58 -9.28
CA GLY A 195 -36.42 -11.67 -9.62
C GLY A 195 -37.17 -12.71 -8.80
N CYS A 196 -36.58 -13.89 -8.66
CA CYS A 196 -37.18 -14.95 -7.87
C CYS A 196 -37.33 -14.56 -6.40
N ILE A 197 -36.36 -13.79 -5.90
CA ILE A 197 -36.38 -13.38 -4.52
C ILE A 197 -37.39 -12.26 -4.27
N PHE A 198 -37.49 -11.35 -5.24
CA PHE A 198 -38.47 -10.29 -5.23
C PHE A 198 -39.87 -10.92 -5.11
N ALA A 199 -40.15 -11.88 -5.98
CA ALA A 199 -41.43 -12.59 -5.97
C ALA A 199 -41.70 -13.28 -4.62
N GLU A 200 -40.68 -13.94 -4.09
CA GLU A 200 -40.82 -14.70 -2.85
C GLU A 200 -41.13 -13.77 -1.67
N MET A 201 -40.51 -12.59 -1.63
CA MET A 201 -40.81 -11.61 -0.60
C MET A 201 -42.26 -11.13 -0.69
N VAL A 202 -42.77 -10.99 -1.90
CA VAL A 202 -44.12 -10.49 -2.10
C VAL A 202 -45.21 -11.51 -1.78
N THR A 203 -44.98 -12.77 -2.14
CA THR A 203 -46.03 -13.79 -2.03
C THR A 203 -45.88 -14.69 -0.80
N ARG A 204 -44.69 -14.68 -0.19
CA ARG A 204 -44.35 -15.53 0.95
C ARG A 204 -44.15 -16.99 0.59
N ARG A 205 -44.14 -17.30 -0.71
CA ARG A 205 -43.76 -18.62 -1.17
C ARG A 205 -42.69 -18.48 -2.26
N ALA A 206 -41.78 -19.44 -2.33
CA ALA A 206 -40.79 -19.43 -3.41
C ALA A 206 -41.55 -19.45 -4.74
N LEU A 207 -40.98 -18.83 -5.77
CA LEU A 207 -41.62 -18.74 -7.09
C LEU A 207 -41.59 -20.06 -7.84
N PHE A 208 -40.41 -20.70 -7.85
CA PHE A 208 -40.19 -21.92 -8.63
C PHE A 208 -39.46 -22.93 -7.76
N PRO A 209 -40.16 -23.62 -6.87
CA PRO A 209 -39.49 -24.56 -5.97
C PRO A 209 -39.37 -25.96 -6.57
N GLY A 210 -38.39 -26.18 -7.45
CA GLY A 210 -38.25 -27.46 -8.10
C GLY A 210 -37.59 -28.53 -7.25
N ASP A 211 -37.89 -29.79 -7.58
CA ASP A 211 -37.34 -30.96 -6.89
C ASP A 211 -36.09 -31.46 -7.60
N SER A 212 -35.96 -31.10 -8.88
CA SER A 212 -34.87 -31.59 -9.73
C SER A 212 -34.66 -30.62 -10.87
N GLU A 213 -33.59 -30.81 -11.64
CA GLU A 213 -33.33 -29.94 -12.79
C GLU A 213 -34.51 -29.87 -13.74
N ILE A 214 -35.08 -31.02 -14.07
CA ILE A 214 -36.17 -31.06 -15.04
C ILE A 214 -37.47 -30.54 -14.40
N ASP A 215 -37.70 -30.84 -13.13
CA ASP A 215 -38.87 -30.32 -12.44
C ASP A 215 -38.81 -28.80 -12.33
N GLN A 216 -37.62 -28.28 -12.02
CA GLN A 216 -37.43 -26.85 -11.90
C GLN A 216 -37.74 -26.16 -13.23
N LEU A 217 -37.26 -26.73 -14.32
CA LEU A 217 -37.53 -26.20 -15.66
C LEU A 217 -39.03 -26.15 -15.93
N PHE A 218 -39.71 -27.27 -15.64
CA PHE A 218 -41.13 -27.37 -15.89
C PHE A 218 -41.94 -26.39 -15.05
N ARG A 219 -41.53 -26.18 -13.80
CA ARG A 219 -42.19 -25.19 -12.98
C ARG A 219 -42.07 -23.80 -13.57
N ILE A 220 -40.89 -23.47 -14.08
CA ILE A 220 -40.74 -22.20 -14.79
C ILE A 220 -41.61 -22.12 -16.04
N PHE A 221 -41.61 -23.19 -16.85
CA PHE A 221 -42.38 -23.22 -18.10
C PHE A 221 -43.87 -23.08 -17.84
N ARG A 222 -44.31 -23.72 -16.77
CA ARG A 222 -45.70 -23.78 -16.38
C ARG A 222 -46.20 -22.42 -15.93
N THR A 223 -45.30 -21.59 -15.40
CA THR A 223 -45.64 -20.24 -14.97
C THR A 223 -45.44 -19.20 -16.07
N LEU A 224 -44.30 -19.26 -16.74
CA LEU A 224 -43.94 -18.22 -17.70
C LEU A 224 -44.21 -18.65 -19.15
N GLY A 225 -44.68 -19.88 -19.32
CA GLY A 225 -44.88 -20.43 -20.66
C GLY A 225 -43.63 -21.14 -21.17
N THR A 226 -43.81 -22.22 -21.93
CA THR A 226 -42.65 -22.87 -22.53
C THR A 226 -42.09 -21.97 -23.62
N PRO A 227 -40.78 -21.69 -23.57
CA PRO A 227 -40.18 -20.76 -24.53
C PRO A 227 -40.04 -21.39 -25.91
N ASP A 228 -40.36 -20.61 -26.93
CA ASP A 228 -40.10 -21.02 -28.32
C ASP A 228 -39.09 -20.08 -28.96
N GLU A 229 -38.93 -20.22 -30.29
CA GLU A 229 -37.92 -19.47 -31.02
C GLU A 229 -38.24 -17.99 -31.16
N VAL A 230 -39.53 -17.65 -31.20
CA VAL A 230 -39.97 -16.26 -31.28
C VAL A 230 -39.63 -15.52 -29.99
N VAL A 231 -39.90 -16.20 -28.87
CA VAL A 231 -39.70 -15.64 -27.55
C VAL A 231 -38.21 -15.55 -27.25
N TRP A 232 -37.51 -16.63 -27.53
CA TRP A 232 -36.10 -16.76 -27.16
C TRP A 232 -35.34 -17.39 -28.33
N PRO A 233 -34.91 -16.56 -29.30
CA PRO A 233 -34.18 -17.09 -30.45
C PRO A 233 -33.00 -17.97 -30.04
N GLY A 234 -33.10 -19.26 -30.36
CA GLY A 234 -32.04 -20.18 -30.02
C GLY A 234 -32.46 -21.35 -29.13
N VAL A 235 -33.60 -21.24 -28.45
CA VAL A 235 -33.91 -22.17 -27.36
C VAL A 235 -33.82 -23.62 -27.80
N THR A 236 -34.37 -23.90 -28.97
CA THR A 236 -34.59 -25.26 -29.42
C THR A 236 -33.27 -25.95 -29.75
N SER A 237 -32.21 -25.16 -29.90
CA SER A 237 -30.89 -25.67 -30.23
C SER A 237 -30.02 -25.93 -28.99
N MET A 238 -30.40 -25.34 -27.86
CA MET A 238 -29.61 -25.49 -26.63
C MET A 238 -29.51 -26.94 -26.19
N PRO A 239 -28.39 -27.29 -25.56
CA PRO A 239 -27.97 -28.67 -25.23
C PRO A 239 -28.99 -29.54 -24.54
N ASP A 240 -29.73 -29.01 -23.57
CA ASP A 240 -30.63 -29.84 -22.79
C ASP A 240 -32.10 -29.57 -23.06
N TYR A 241 -32.36 -28.80 -24.11
CA TYR A 241 -33.72 -28.62 -24.61
C TYR A 241 -34.22 -29.93 -25.22
N LYS A 242 -35.54 -30.08 -25.27
CA LYS A 242 -36.13 -31.20 -25.98
C LYS A 242 -37.40 -30.74 -26.68
N PRO A 243 -37.62 -31.21 -27.92
CA PRO A 243 -38.84 -30.87 -28.64
C PRO A 243 -40.04 -31.53 -27.97
N SER A 244 -39.74 -32.47 -27.07
CA SER A 244 -40.77 -33.17 -26.32
C SER A 244 -41.19 -32.47 -25.01
N PHE A 245 -40.62 -31.31 -24.70
CA PHE A 245 -41.09 -30.52 -23.58
C PHE A 245 -42.55 -30.18 -23.81
N PRO A 246 -43.39 -30.33 -22.78
CA PRO A 246 -44.77 -29.86 -22.89
C PRO A 246 -44.77 -28.38 -23.26
N LYS A 247 -45.82 -27.95 -23.98
CA LYS A 247 -45.98 -26.54 -24.32
C LYS A 247 -47.05 -25.90 -23.44
N TRP A 248 -46.62 -25.27 -22.35
CA TRP A 248 -47.55 -24.57 -21.47
C TRP A 248 -47.73 -23.13 -21.90
N ALA A 249 -48.89 -22.57 -21.56
CA ALA A 249 -49.16 -21.15 -21.82
C ALA A 249 -48.67 -20.27 -20.67
N ARG A 250 -48.39 -19.02 -20.97
CA ARG A 250 -47.98 -18.04 -19.97
C ARG A 250 -49.12 -17.69 -19.00
N GLN A 251 -49.02 -18.13 -17.74
CA GLN A 251 -49.97 -17.70 -16.71
C GLN A 251 -50.04 -16.18 -16.63
N ASP A 252 -51.22 -15.69 -16.30
CA ASP A 252 -51.47 -14.26 -16.14
C ASP A 252 -50.70 -13.72 -14.93
N PHE A 253 -49.93 -12.66 -15.13
CA PHE A 253 -48.96 -12.24 -14.12
C PHE A 253 -49.59 -11.66 -12.87
N SER A 254 -50.81 -11.15 -13.00
CA SER A 254 -51.47 -10.57 -11.85
C SER A 254 -51.93 -11.68 -10.93
N LYS A 255 -51.87 -12.93 -11.38
CA LYS A 255 -52.21 -14.06 -10.51
C LYS A 255 -50.98 -14.75 -9.91
N VAL A 256 -49.80 -14.41 -10.43
CA VAL A 256 -48.57 -14.99 -9.93
C VAL A 256 -48.04 -14.16 -8.76
N VAL A 257 -48.04 -12.84 -8.91
CA VAL A 257 -47.79 -11.95 -7.79
C VAL A 257 -48.93 -10.96 -7.55
N PRO A 258 -50.03 -11.46 -6.99
CA PRO A 258 -51.28 -10.70 -6.78
C PRO A 258 -51.14 -9.34 -6.04
N PRO A 259 -50.23 -9.25 -5.06
CA PRO A 259 -50.07 -8.00 -4.28
C PRO A 259 -49.43 -6.85 -5.04
N LEU A 260 -48.79 -7.16 -6.16
CA LEU A 260 -48.03 -6.17 -6.91
C LEU A 260 -48.94 -5.34 -7.81
N ASP A 261 -48.67 -4.04 -7.86
CA ASP A 261 -49.31 -3.11 -8.80
C ASP A 261 -48.77 -3.30 -10.21
N GLU A 262 -49.15 -2.40 -11.11
CA GLU A 262 -48.71 -2.47 -12.50
C GLU A 262 -47.19 -2.32 -12.63
N ASP A 263 -46.62 -1.37 -11.91
CA ASP A 263 -45.17 -1.14 -11.97
C ASP A 263 -44.35 -2.32 -11.49
N GLY A 264 -44.79 -2.93 -10.40
CA GLY A 264 -44.07 -4.08 -9.87
C GLY A 264 -44.14 -5.27 -10.81
N ARG A 265 -45.30 -5.51 -11.40
CA ARG A 265 -45.45 -6.64 -12.32
C ARG A 265 -44.54 -6.46 -13.53
N SER A 266 -44.42 -5.21 -13.98
CA SER A 266 -43.58 -4.86 -15.12
C SER A 266 -42.11 -5.17 -14.84
N LEU A 267 -41.61 -4.65 -13.72
CA LEU A 267 -40.21 -4.87 -13.35
C LEU A 267 -39.94 -6.37 -13.24
N LEU A 268 -40.79 -7.08 -12.51
CA LEU A 268 -40.57 -8.50 -12.29
C LEU A 268 -40.54 -9.27 -13.62
N SER A 269 -41.41 -8.91 -14.56
CA SER A 269 -41.45 -9.71 -15.79
C SER A 269 -40.23 -9.44 -16.66
N GLN A 270 -39.70 -8.22 -16.59
CA GLN A 270 -38.46 -7.90 -17.26
C GLN A 270 -37.27 -8.58 -16.59
N MET A 271 -37.38 -8.84 -15.29
CA MET A 271 -36.35 -9.60 -14.59
C MET A 271 -36.44 -11.10 -14.85
N LEU A 272 -37.59 -11.57 -15.33
CA LEU A 272 -37.76 -12.98 -15.62
C LEU A 272 -37.92 -13.23 -17.12
N HIS A 273 -37.45 -12.28 -17.92
CA HIS A 273 -37.37 -12.46 -19.37
C HIS A 273 -36.51 -13.68 -19.72
N TYR A 274 -37.03 -14.55 -20.58
CA TYR A 274 -36.35 -15.79 -20.90
C TYR A 274 -35.00 -15.57 -21.60
N ASP A 275 -34.99 -14.65 -22.55
CA ASP A 275 -33.81 -14.42 -23.37
C ASP A 275 -32.80 -13.59 -22.58
N PRO A 276 -31.65 -14.17 -22.27
CA PRO A 276 -30.64 -13.52 -21.43
C PRO A 276 -30.20 -12.15 -21.94
N ASN A 277 -30.27 -11.96 -23.26
CA ASN A 277 -29.84 -10.71 -23.89
C ASN A 277 -30.87 -9.64 -23.63
N LYS A 278 -32.10 -10.07 -23.41
CA LYS A 278 -33.21 -9.13 -23.26
C LYS A 278 -33.62 -8.93 -21.80
N ARG A 279 -33.17 -9.83 -20.92
CA ARG A 279 -33.43 -9.70 -19.49
C ARG A 279 -32.81 -8.40 -19.00
N ILE A 280 -33.58 -7.64 -18.23
CA ILE A 280 -33.19 -6.29 -17.85
C ILE A 280 -31.91 -6.33 -17.02
N SER A 281 -31.16 -5.23 -17.05
CA SER A 281 -29.92 -5.15 -16.28
C SER A 281 -30.21 -4.47 -14.94
N ALA A 282 -29.32 -4.66 -13.97
CA ALA A 282 -29.46 -3.99 -12.69
C ALA A 282 -29.48 -2.47 -12.87
N LYS A 283 -28.60 -1.97 -13.73
CA LYS A 283 -28.54 -0.52 -13.98
C LYS A 283 -29.89 -0.02 -14.49
N ALA A 284 -30.47 -0.72 -15.45
CA ALA A 284 -31.72 -0.29 -16.05
C ALA A 284 -32.89 -0.54 -15.09
N ALA A 285 -32.83 -1.65 -14.37
CA ALA A 285 -33.81 -1.94 -13.34
C ALA A 285 -33.95 -0.74 -12.41
N LEU A 286 -32.83 -0.19 -11.94
CA LEU A 286 -32.83 0.93 -10.99
C LEU A 286 -33.59 2.13 -11.51
N ALA A 287 -33.64 2.28 -12.83
CA ALA A 287 -34.32 3.43 -13.42
C ALA A 287 -35.82 3.18 -13.56
N HIS A 288 -36.26 1.97 -13.26
CA HIS A 288 -37.67 1.62 -13.43
C HIS A 288 -38.57 2.49 -12.56
N PRO A 289 -39.73 2.88 -13.09
CA PRO A 289 -40.69 3.70 -12.34
C PRO A 289 -41.21 3.08 -11.06
N PHE A 290 -40.98 1.78 -10.88
CA PHE A 290 -41.33 1.09 -9.64
C PHE A 290 -40.58 1.69 -8.43
N PHE A 291 -39.40 2.25 -8.67
CA PHE A 291 -38.57 2.78 -7.58
C PHE A 291 -38.70 4.30 -7.41
N GLN A 292 -39.70 4.88 -8.06
CA GLN A 292 -39.92 6.31 -8.04
C GLN A 292 -40.13 6.88 -6.63
N ASP A 293 -40.67 6.06 -5.74
CA ASP A 293 -41.08 6.50 -4.41
C ASP A 293 -40.30 5.80 -3.30
N VAL A 294 -39.20 5.15 -3.66
CA VAL A 294 -38.51 4.27 -2.73
C VAL A 294 -38.05 5.04 -1.50
N THR A 295 -38.03 4.36 -0.35
CA THR A 295 -37.60 4.94 0.91
C THR A 295 -36.77 3.88 1.63
N LYS A 296 -36.40 4.14 2.88
CA LYS A 296 -35.62 3.18 3.65
C LYS A 296 -36.26 2.83 5.01
N PRO A 297 -37.35 2.04 4.98
CA PRO A 297 -38.03 1.58 6.19
C PRO A 297 -37.05 0.78 7.04
N VAL A 298 -37.31 0.66 8.35
CA VAL A 298 -36.51 -0.26 9.15
C VAL A 298 -37.26 -1.55 9.46
N PRO A 299 -36.60 -2.70 9.31
CA PRO A 299 -37.26 -3.96 9.59
C PRO A 299 -37.59 -4.05 11.07
N HIS A 300 -38.51 -4.93 11.43
CA HIS A 300 -38.61 -5.39 12.80
C HIS A 300 -37.98 -6.78 12.88
N LEU A 301 -36.78 -6.86 13.45
CA LEU A 301 -36.08 -8.13 13.53
C LEU A 301 -36.37 -8.83 14.85
N ARG A 302 -36.85 -10.06 14.79
CA ARG A 302 -36.98 -10.89 15.98
C ARG A 302 -35.60 -11.40 16.33
N LEU A 303 -34.71 -10.49 16.72
CA LEU A 303 -33.37 -10.87 17.13
C LEU A 303 -33.40 -11.65 18.44
N PRO B 9 -23.64 -5.61 -25.15
CA PRO B 9 -23.49 -5.59 -23.66
C PRO B 9 -23.84 -4.21 -23.09
N ASP B 10 -24.17 -4.17 -21.80
CA ASP B 10 -24.69 -2.97 -21.15
C ASP B 10 -23.64 -2.33 -20.22
N TYR B 11 -22.82 -3.17 -19.60
CA TYR B 11 -21.76 -2.70 -18.71
C TYR B 11 -20.42 -2.64 -19.44
N HIS B 12 -20.49 -2.84 -20.76
CA HIS B 12 -19.29 -2.99 -21.56
C HIS B 12 -18.35 -1.80 -21.36
N GLU B 13 -18.90 -0.60 -21.31
CA GLU B 13 -18.07 0.58 -21.19
C GLU B 13 -17.51 0.77 -19.78
N ASP B 14 -18.36 0.59 -18.77
CA ASP B 14 -17.93 0.72 -17.39
C ASP B 14 -16.78 -0.22 -17.11
N ILE B 15 -16.85 -1.43 -17.67
CA ILE B 15 -15.82 -2.41 -17.44
C ILE B 15 -14.53 -2.02 -18.14
N HIS B 16 -14.65 -1.48 -19.35
CA HIS B 16 -13.46 -1.04 -20.05
C HIS B 16 -12.79 0.06 -19.25
N THR B 17 -13.56 1.06 -18.84
CA THR B 17 -13.02 2.14 -18.02
C THR B 17 -12.33 1.60 -16.77
N TYR B 18 -12.88 0.54 -16.20
CA TYR B 18 -12.35 0.00 -14.95
C TYR B 18 -11.08 -0.81 -15.17
N LEU B 19 -11.01 -1.56 -16.26
CA LEU B 19 -9.83 -2.36 -16.53
C LEU B 19 -8.67 -1.42 -16.89
N ARG B 20 -9.00 -0.33 -17.56
CA ARG B 20 -8.00 0.68 -17.88
C ARG B 20 -7.40 1.34 -16.64
N GLU B 21 -8.17 1.47 -15.57
CA GLU B 21 -7.65 2.01 -14.31
C GLU B 21 -6.83 0.97 -13.56
N MET B 22 -7.25 -0.29 -13.66
CA MET B 22 -6.62 -1.36 -12.91
C MET B 22 -5.28 -1.76 -13.52
N GLU B 23 -5.15 -1.57 -14.83
CA GLU B 23 -3.94 -2.03 -15.50
C GLU B 23 -2.79 -1.11 -15.15
N VAL B 24 -3.09 0.15 -14.87
CA VAL B 24 -2.09 1.08 -14.38
C VAL B 24 -1.59 0.68 -12.99
N LYS B 25 -2.51 0.31 -12.11
CA LYS B 25 -2.14 -0.08 -10.75
C LYS B 25 -1.44 -1.45 -10.70
N CYS B 26 -2.03 -2.45 -11.33
CA CYS B 26 -1.48 -3.81 -11.32
C CYS B 26 -0.22 -3.98 -12.19
N LYS B 27 0.37 -2.85 -12.60
CA LYS B 27 1.53 -2.82 -13.52
C LYS B 27 2.87 -3.00 -12.81
N PRO B 28 3.66 -4.01 -13.22
CA PRO B 28 4.97 -4.29 -12.61
C PRO B 28 6.03 -3.22 -12.86
N LYS B 29 7.12 -3.30 -12.10
CA LYS B 29 8.23 -2.36 -12.24
C LYS B 29 8.95 -2.58 -13.58
N VAL B 30 8.99 -1.54 -14.41
CA VAL B 30 9.51 -1.70 -15.76
C VAL B 30 10.97 -2.14 -15.78
N GLY B 31 11.77 -1.60 -14.86
CA GLY B 31 13.19 -1.88 -14.87
C GLY B 31 13.66 -2.89 -13.85
N TYR B 32 12.80 -3.84 -13.50
CA TYR B 32 13.09 -4.72 -12.37
C TYR B 32 14.16 -5.78 -12.66
N MET B 33 14.37 -6.11 -13.92
CA MET B 33 15.28 -7.20 -14.23
C MET B 33 16.72 -6.74 -14.08
N LYS B 34 16.94 -5.44 -14.27
CA LYS B 34 18.26 -4.86 -14.02
C LYS B 34 18.65 -5.09 -12.56
N LYS B 35 17.76 -4.71 -11.65
CA LYS B 35 17.99 -4.79 -10.21
C LYS B 35 17.96 -6.23 -9.70
N GLN B 36 17.87 -7.19 -10.59
CA GLN B 36 17.80 -8.57 -10.13
C GLN B 36 19.17 -9.23 -10.29
N PRO B 37 19.75 -9.71 -9.18
CA PRO B 37 21.15 -10.10 -9.14
C PRO B 37 21.50 -11.31 -10.01
N ASP B 38 20.58 -12.26 -10.10
CA ASP B 38 20.93 -13.59 -10.57
C ASP B 38 20.13 -14.10 -11.78
N ILE B 39 19.00 -13.49 -12.09
CA ILE B 39 18.22 -13.95 -13.24
C ILE B 39 18.16 -12.88 -14.30
N THR B 40 17.82 -13.31 -15.51
CA THR B 40 17.94 -12.48 -16.70
C THR B 40 16.69 -12.60 -17.57
N ASN B 41 16.47 -11.63 -18.46
CA ASN B 41 15.37 -11.68 -19.40
C ASN B 41 15.26 -13.00 -20.18
N SER B 42 16.40 -13.63 -20.42
CA SER B 42 16.42 -14.88 -21.16
C SER B 42 15.87 -16.03 -20.34
N MET B 43 16.21 -16.04 -19.05
CA MET B 43 15.71 -17.08 -18.16
C MET B 43 14.21 -16.95 -17.99
N ARG B 44 13.74 -15.71 -17.96
CA ARG B 44 12.32 -15.44 -17.84
C ARG B 44 11.62 -15.93 -19.10
N ALA B 45 12.22 -15.63 -20.25
CA ALA B 45 11.73 -16.12 -21.54
C ALA B 45 11.60 -17.64 -21.55
N ILE B 46 12.63 -18.31 -21.05
CA ILE B 46 12.62 -19.76 -21.00
C ILE B 46 11.53 -20.27 -20.07
N LEU B 47 11.26 -19.51 -19.02
CA LEU B 47 10.24 -19.87 -18.04
C LEU B 47 8.84 -19.71 -18.63
N VAL B 48 8.59 -18.57 -19.26
CA VAL B 48 7.28 -18.33 -19.80
C VAL B 48 6.97 -19.34 -20.90
N ASP B 49 7.92 -19.52 -21.81
CA ASP B 49 7.75 -20.49 -22.88
C ASP B 49 7.48 -21.89 -22.31
N TRP B 50 8.09 -22.19 -21.17
CA TRP B 50 7.81 -23.44 -20.48
C TRP B 50 6.36 -23.48 -19.95
N LEU B 51 5.86 -22.34 -19.48
CA LEU B 51 4.52 -22.30 -18.93
C LEU B 51 3.49 -22.50 -20.03
N VAL B 52 3.74 -21.91 -21.19
CA VAL B 52 2.96 -22.20 -22.40
C VAL B 52 2.83 -23.70 -22.67
N GLU B 53 3.96 -24.41 -22.59
CA GLU B 53 3.93 -25.85 -22.72
C GLU B 53 3.00 -26.46 -21.69
N VAL B 54 3.11 -26.03 -20.45
CA VAL B 54 2.31 -26.60 -19.36
C VAL B 54 0.83 -26.37 -19.63
N GLY B 55 0.51 -25.23 -20.24
CA GLY B 55 -0.88 -24.91 -20.51
C GLY B 55 -1.45 -25.78 -21.61
N GLU B 56 -0.61 -26.15 -22.56
CA GLU B 56 -1.00 -27.09 -23.60
C GLU B 56 -1.19 -28.50 -23.03
N GLU B 57 -0.28 -28.91 -22.16
CA GLU B 57 -0.33 -30.25 -21.57
C GLU B 57 -1.59 -30.49 -20.74
N TYR B 58 -1.95 -29.51 -19.91
CA TYR B 58 -3.11 -29.64 -19.03
C TYR B 58 -4.35 -28.94 -19.54
N LYS B 59 -4.29 -28.42 -20.76
CA LYS B 59 -5.48 -27.93 -21.43
C LYS B 59 -6.05 -26.73 -20.68
N LEU B 60 -5.15 -25.85 -20.23
CA LEU B 60 -5.56 -24.66 -19.50
C LEU B 60 -5.93 -23.55 -20.47
N GLN B 61 -6.71 -22.60 -19.98
CA GLN B 61 -7.14 -21.46 -20.79
C GLN B 61 -5.98 -20.52 -21.06
N ASN B 62 -6.14 -19.65 -22.05
CA ASN B 62 -5.08 -18.72 -22.40
C ASN B 62 -5.03 -17.60 -21.36
N GLU B 63 -6.19 -17.30 -20.79
CA GLU B 63 -6.27 -16.31 -19.73
C GLU B 63 -5.43 -16.76 -18.52
N THR B 64 -5.50 -18.03 -18.17
CA THR B 64 -4.66 -18.55 -17.09
C THR B 64 -3.20 -18.20 -17.34
N LEU B 65 -2.70 -18.50 -18.53
CA LEU B 65 -1.31 -18.25 -18.87
C LEU B 65 -0.95 -16.77 -18.69
N HIS B 66 -1.82 -15.89 -19.17
CA HIS B 66 -1.57 -14.45 -19.06
C HIS B 66 -1.52 -13.96 -17.62
N LEU B 67 -2.37 -14.53 -16.77
CA LEU B 67 -2.41 -14.14 -15.37
C LEU B 67 -1.12 -14.55 -14.68
N ALA B 68 -0.71 -15.79 -14.87
CA ALA B 68 0.48 -16.31 -14.21
C ALA B 68 1.71 -15.46 -14.53
N VAL B 69 1.80 -14.98 -15.76
CA VAL B 69 2.93 -14.16 -16.14
C VAL B 69 2.86 -12.81 -15.42
N ASN B 70 1.65 -12.28 -15.29
CA ASN B 70 1.45 -11.06 -14.51
C ASN B 70 1.89 -11.26 -13.06
N TYR B 71 1.49 -12.37 -12.45
CA TYR B 71 1.87 -12.65 -11.07
C TYR B 71 3.40 -12.73 -10.97
N ILE B 72 4.03 -13.39 -11.93
CA ILE B 72 5.48 -13.58 -11.89
C ILE B 72 6.22 -12.25 -11.97
N ASP B 73 5.78 -11.38 -12.88
CA ASP B 73 6.48 -10.14 -13.11
C ASP B 73 6.32 -9.17 -11.93
N ARG B 74 5.18 -9.25 -11.27
CA ARG B 74 4.92 -8.42 -10.10
C ARG B 74 5.72 -8.94 -8.92
N PHE B 75 5.74 -10.26 -8.75
CA PHE B 75 6.54 -10.87 -7.70
C PHE B 75 8.03 -10.57 -7.85
N LEU B 76 8.56 -10.64 -9.07
CA LEU B 76 9.97 -10.32 -9.30
C LEU B 76 10.25 -8.82 -9.19
N SER B 77 9.22 -8.00 -9.29
CA SER B 77 9.37 -6.56 -9.14
C SER B 77 9.73 -6.15 -7.71
N SER B 78 9.57 -7.07 -6.75
CA SER B 78 9.85 -6.74 -5.36
C SER B 78 10.60 -7.81 -4.56
N MET B 79 10.77 -9.00 -5.12
CA MET B 79 11.51 -10.05 -4.45
C MET B 79 12.69 -10.54 -5.28
N SER B 80 13.86 -10.63 -4.66
CA SER B 80 15.02 -11.21 -5.32
C SER B 80 14.88 -12.72 -5.36
N VAL B 81 15.20 -13.31 -6.52
CA VAL B 81 15.17 -14.74 -6.67
C VAL B 81 16.45 -15.24 -7.34
N LEU B 82 16.83 -16.48 -6.99
CA LEU B 82 17.99 -17.14 -7.57
C LEU B 82 17.55 -18.11 -8.67
N ARG B 83 18.40 -18.29 -9.68
CA ARG B 83 18.14 -19.17 -10.81
C ARG B 83 17.31 -20.40 -10.43
N GLY B 84 17.78 -21.12 -9.43
CA GLY B 84 17.20 -22.43 -9.15
C GLY B 84 15.88 -22.37 -8.43
N LYS B 85 15.40 -21.16 -8.14
CA LYS B 85 14.11 -20.97 -7.49
C LYS B 85 13.11 -20.28 -8.42
N LEU B 86 13.61 -19.70 -9.50
CA LEU B 86 12.77 -19.04 -10.50
C LEU B 86 11.60 -19.91 -10.94
N GLN B 87 11.86 -21.20 -11.11
CA GLN B 87 10.85 -22.11 -11.63
C GLN B 87 9.80 -22.41 -10.58
N LEU B 88 10.21 -22.48 -9.32
CA LEU B 88 9.25 -22.64 -8.23
C LEU B 88 8.29 -21.44 -8.15
N VAL B 89 8.83 -20.23 -8.33
CA VAL B 89 7.99 -19.03 -8.42
C VAL B 89 7.01 -19.11 -9.58
N GLY B 90 7.48 -19.61 -10.72
CA GLY B 90 6.63 -19.76 -11.89
C GLY B 90 5.60 -20.87 -11.73
N THR B 91 5.98 -21.97 -11.10
CA THR B 91 5.01 -23.04 -10.84
C THR B 91 3.91 -22.59 -9.88
N ALA B 92 4.26 -21.77 -8.90
CA ALA B 92 3.28 -21.28 -7.92
C ALA B 92 2.37 -20.27 -8.57
N ALA B 93 2.94 -19.43 -9.44
CA ALA B 93 2.16 -18.47 -10.20
C ALA B 93 1.12 -19.17 -11.09
N MET B 94 1.46 -20.34 -11.61
CA MET B 94 0.55 -21.09 -12.49
C MET B 94 -0.56 -21.72 -11.65
N LEU B 95 -0.16 -22.35 -10.54
CA LEU B 95 -1.12 -22.93 -9.61
C LEU B 95 -2.19 -21.91 -9.18
N LEU B 96 -1.76 -20.70 -8.82
CA LEU B 96 -2.70 -19.66 -8.43
C LEU B 96 -3.59 -19.22 -9.60
N ALA B 97 -2.97 -19.00 -10.75
CA ALA B 97 -3.70 -18.56 -11.94
C ALA B 97 -4.74 -19.60 -12.34
N SER B 98 -4.40 -20.87 -12.18
CA SER B 98 -5.37 -21.92 -12.45
C SER B 98 -6.54 -21.82 -11.48
N LYS B 99 -6.22 -21.67 -10.20
CA LYS B 99 -7.25 -21.62 -9.18
C LYS B 99 -8.20 -20.45 -9.39
N PHE B 100 -7.67 -19.35 -9.90
CA PHE B 100 -8.49 -18.17 -10.11
C PHE B 100 -9.38 -18.33 -11.33
N GLU B 101 -8.81 -18.85 -12.41
CA GLU B 101 -9.44 -18.74 -13.72
C GLU B 101 -10.06 -20.03 -14.20
N GLU B 102 -9.41 -21.16 -13.94
CA GLU B 102 -9.92 -22.42 -14.44
C GLU B 102 -11.23 -22.75 -13.74
N ILE B 103 -12.03 -23.64 -14.33
CA ILE B 103 -13.21 -24.13 -13.65
C ILE B 103 -12.83 -25.02 -12.48
N TYR B 104 -11.94 -25.99 -12.71
CA TYR B 104 -11.16 -26.58 -11.64
C TYR B 104 -9.70 -26.80 -12.03
N PRO B 105 -8.78 -26.35 -11.17
CA PRO B 105 -7.34 -26.41 -11.38
C PRO B 105 -6.83 -27.84 -11.38
N PRO B 106 -5.68 -28.08 -12.01
CA PRO B 106 -5.03 -29.37 -11.76
C PRO B 106 -4.61 -29.41 -10.28
N GLU B 107 -4.50 -30.60 -9.71
CA GLU B 107 -4.11 -30.69 -8.31
C GLU B 107 -2.62 -30.41 -8.16
N VAL B 108 -2.20 -30.11 -6.94
CA VAL B 108 -0.81 -29.78 -6.66
C VAL B 108 0.09 -30.87 -7.21
N ALA B 109 -0.35 -32.12 -7.03
CA ALA B 109 0.40 -33.27 -7.48
C ALA B 109 0.91 -33.06 -8.90
N GLU B 110 0.04 -32.59 -9.78
CA GLU B 110 0.38 -32.41 -11.18
C GLU B 110 1.44 -31.31 -11.33
N PHE B 111 1.30 -30.25 -10.54
CA PHE B 111 2.22 -29.13 -10.66
C PHE B 111 3.61 -29.47 -10.13
N VAL B 112 3.66 -30.37 -9.16
CA VAL B 112 4.94 -30.89 -8.69
C VAL B 112 5.54 -31.79 -9.76
N TYR B 113 4.69 -32.56 -10.43
CA TYR B 113 5.11 -33.51 -11.44
C TYR B 113 5.78 -32.83 -12.62
N ILE B 114 5.16 -31.76 -13.12
CA ILE B 114 5.64 -31.11 -14.33
C ILE B 114 6.97 -30.37 -14.14
N THR B 115 7.50 -30.39 -12.91
CA THR B 115 8.80 -29.78 -12.67
C THR B 115 9.89 -30.85 -12.56
N ASP B 116 9.53 -32.09 -12.83
CA ASP B 116 10.44 -33.23 -12.69
C ASP B 116 10.90 -33.37 -11.25
N ASP B 117 9.97 -33.17 -10.32
CA ASP B 117 10.25 -33.31 -8.90
C ASP B 117 11.55 -32.64 -8.49
N THR B 118 11.88 -31.53 -9.15
CA THR B 118 12.97 -30.69 -8.71
C THR B 118 12.56 -29.89 -7.47
N TYR B 119 11.25 -29.86 -7.20
CA TYR B 119 10.72 -29.29 -5.95
C TYR B 119 9.70 -30.25 -5.34
N THR B 120 9.39 -30.08 -4.06
CA THR B 120 8.43 -30.94 -3.39
C THR B 120 7.05 -30.28 -3.31
N LYS B 121 6.02 -31.09 -3.15
CA LYS B 121 4.69 -30.55 -2.94
C LYS B 121 4.75 -29.46 -1.86
N LYS B 122 5.60 -29.67 -0.87
CA LYS B 122 5.68 -28.77 0.28
C LYS B 122 6.24 -27.41 -0.14
N GLN B 123 7.29 -27.43 -0.95
CA GLN B 123 7.88 -26.18 -1.45
C GLN B 123 6.89 -25.44 -2.35
N VAL B 124 6.10 -26.18 -3.13
CA VAL B 124 5.15 -25.55 -4.02
C VAL B 124 4.08 -24.84 -3.21
N LEU B 125 3.53 -25.52 -2.22
CA LEU B 125 2.52 -24.91 -1.36
C LEU B 125 3.07 -23.70 -0.60
N ARG B 126 4.29 -23.82 -0.09
CA ARG B 126 4.94 -22.71 0.61
C ARG B 126 5.12 -21.50 -0.28
N MET B 127 5.45 -21.73 -1.55
CA MET B 127 5.69 -20.63 -2.48
C MET B 127 4.37 -19.97 -2.88
N GLU B 128 3.32 -20.78 -2.96
CA GLU B 128 1.98 -20.24 -3.23
C GLU B 128 1.60 -19.25 -2.13
N HIS B 129 1.89 -19.61 -0.89
CA HIS B 129 1.59 -18.76 0.26
C HIS B 129 2.38 -17.45 0.15
N LEU B 130 3.68 -17.56 -0.13
CA LEU B 130 4.54 -16.39 -0.24
C LEU B 130 4.13 -15.47 -1.39
N VAL B 131 3.70 -16.06 -2.50
CA VAL B 131 3.28 -15.24 -3.64
C VAL B 131 2.01 -14.49 -3.28
N LEU B 132 1.07 -15.17 -2.62
CA LEU B 132 -0.16 -14.52 -2.15
C LEU B 132 0.15 -13.36 -1.21
N LYS B 133 1.12 -13.56 -0.31
CA LYS B 133 1.53 -12.49 0.59
C LYS B 133 2.10 -11.32 -0.20
N VAL B 134 3.04 -11.61 -1.10
CA VAL B 134 3.70 -10.56 -1.83
C VAL B 134 2.76 -9.83 -2.78
N LEU B 135 1.76 -10.56 -3.29
CA LEU B 135 0.77 -9.95 -4.18
C LEU B 135 -0.44 -9.43 -3.40
N THR B 136 -0.42 -9.66 -2.10
CA THR B 136 -1.51 -9.21 -1.21
C THR B 136 -2.87 -9.67 -1.71
N PHE B 137 -2.92 -10.90 -2.24
CA PHE B 137 -4.17 -11.54 -2.64
C PHE B 137 -4.86 -10.81 -3.78
N ASP B 138 -4.15 -9.91 -4.44
CA ASP B 138 -4.76 -9.19 -5.56
C ASP B 138 -4.48 -9.91 -6.87
N LEU B 139 -5.36 -10.83 -7.23
CA LEU B 139 -5.09 -11.75 -8.31
C LEU B 139 -5.86 -11.46 -9.58
N ALA B 140 -6.83 -10.56 -9.52
CA ALA B 140 -7.72 -10.33 -10.65
C ALA B 140 -7.20 -9.26 -11.59
N ALA B 141 -6.03 -9.48 -12.18
CA ALA B 141 -5.38 -8.42 -12.96
C ALA B 141 -5.87 -8.39 -14.40
N PRO B 142 -5.88 -7.20 -15.01
CA PRO B 142 -6.17 -7.05 -16.44
C PRO B 142 -5.04 -7.62 -17.31
N THR B 143 -5.42 -8.27 -18.41
CA THR B 143 -4.48 -8.95 -19.29
C THR B 143 -4.71 -8.54 -20.74
N VAL B 144 -3.69 -8.71 -21.57
CA VAL B 144 -3.86 -8.48 -23.01
C VAL B 144 -5.12 -9.21 -23.51
N ASN B 145 -5.29 -10.44 -23.03
CA ASN B 145 -6.45 -11.26 -23.37
C ASN B 145 -7.78 -10.58 -23.05
N GLN B 146 -7.87 -9.92 -21.91
CA GLN B 146 -9.13 -9.32 -21.52
C GLN B 146 -9.47 -8.16 -22.43
N PHE B 147 -8.47 -7.39 -22.82
CA PHE B 147 -8.73 -6.25 -23.70
C PHE B 147 -9.03 -6.68 -25.12
N LEU B 148 -8.44 -7.80 -25.55
CA LEU B 148 -8.73 -8.31 -26.88
C LEU B 148 -10.19 -8.70 -26.97
N THR B 149 -10.67 -9.36 -25.92
CA THR B 149 -12.04 -9.82 -25.84
C THR B 149 -13.02 -8.66 -25.99
N GLN B 150 -12.70 -7.55 -25.34
CA GLN B 150 -13.47 -6.32 -25.47
C GLN B 150 -13.37 -5.77 -26.89
N TYR B 151 -12.17 -5.81 -27.46
CA TYR B 151 -11.96 -5.20 -28.76
C TYR B 151 -12.70 -6.02 -29.82
N PHE B 152 -12.67 -7.35 -29.69
CA PHE B 152 -13.26 -8.23 -30.67
C PHE B 152 -14.73 -7.96 -30.93
N LEU B 153 -15.48 -7.59 -29.89
CA LEU B 153 -16.89 -7.29 -30.09
C LEU B 153 -17.06 -6.17 -31.11
N HIS B 154 -15.96 -5.49 -31.43
CA HIS B 154 -16.01 -4.37 -32.36
C HIS B 154 -15.64 -4.76 -33.79
N GLN B 155 -15.63 -6.06 -34.09
CA GLN B 155 -15.52 -6.51 -35.48
C GLN B 155 -16.89 -6.47 -36.11
N GLN B 156 -17.06 -5.63 -37.13
CA GLN B 156 -18.36 -5.57 -37.81
C GLN B 156 -18.74 -6.97 -38.30
N PRO B 157 -17.96 -7.54 -39.25
CA PRO B 157 -18.04 -9.00 -39.39
C PRO B 157 -16.95 -9.63 -38.53
N ALA B 158 -17.32 -10.53 -37.63
CA ALA B 158 -16.31 -11.17 -36.79
C ALA B 158 -15.55 -12.23 -37.57
N ASN B 159 -14.22 -12.11 -37.60
CA ASN B 159 -13.37 -13.03 -38.36
C ASN B 159 -12.53 -13.90 -37.42
N CYS B 160 -12.69 -15.21 -37.52
CA CYS B 160 -12.04 -16.11 -36.58
C CYS B 160 -10.53 -16.23 -36.79
N LYS B 161 -10.06 -16.01 -38.02
CA LYS B 161 -8.62 -16.00 -38.28
C LYS B 161 -7.98 -14.78 -37.63
N VAL B 162 -8.68 -13.65 -37.69
CA VAL B 162 -8.20 -12.42 -37.09
C VAL B 162 -8.02 -12.61 -35.58
N GLU B 163 -9.01 -13.21 -34.93
CA GLU B 163 -8.96 -13.40 -33.49
C GLU B 163 -7.86 -14.36 -33.04
N SER B 164 -7.67 -15.46 -33.78
CA SER B 164 -6.58 -16.38 -33.50
C SER B 164 -5.23 -15.70 -33.62
N LEU B 165 -5.09 -14.80 -34.60
CA LEU B 165 -3.80 -14.21 -34.89
C LEU B 165 -3.48 -13.09 -33.91
N ALA B 166 -4.52 -12.39 -33.44
CA ALA B 166 -4.35 -11.35 -32.43
C ALA B 166 -3.97 -12.00 -31.10
N MET B 167 -4.63 -13.11 -30.79
CA MET B 167 -4.28 -13.95 -29.67
C MET B 167 -2.81 -14.38 -29.74
N PHE B 168 -2.38 -14.74 -30.94
CA PHE B 168 -1.05 -15.29 -31.15
C PHE B 168 -0.01 -14.21 -30.90
N LEU B 169 -0.25 -13.03 -31.45
CA LEU B 169 0.69 -11.93 -31.29
C LEU B 169 0.71 -11.47 -29.83
N GLY B 170 -0.46 -11.43 -29.21
CA GLY B 170 -0.54 -11.02 -27.82
C GLY B 170 0.21 -12.01 -26.95
N GLU B 171 0.16 -13.27 -27.33
CA GLU B 171 0.76 -14.31 -26.51
C GLU B 171 2.28 -14.27 -26.65
N LEU B 172 2.77 -13.88 -27.82
CA LEU B 172 4.20 -13.84 -28.05
C LEU B 172 4.83 -12.76 -27.19
N SER B 173 4.08 -11.69 -26.93
CA SER B 173 4.63 -10.55 -26.21
C SER B 173 4.94 -10.90 -24.74
N LEU B 174 4.35 -11.98 -24.25
CA LEU B 174 4.62 -12.46 -22.90
C LEU B 174 6.06 -12.94 -22.76
N ILE B 175 6.68 -13.32 -23.88
CA ILE B 175 7.96 -14.01 -23.85
C ILE B 175 9.13 -13.07 -23.57
N ASP B 176 9.03 -11.85 -24.07
CA ASP B 176 10.18 -10.94 -24.06
C ASP B 176 9.93 -9.71 -23.19
N ALA B 177 10.42 -9.77 -21.96
CA ALA B 177 10.28 -8.65 -21.03
C ALA B 177 10.74 -7.35 -21.69
N ASP B 178 11.77 -7.44 -22.52
CA ASP B 178 12.15 -6.33 -23.38
C ASP B 178 11.68 -6.65 -24.81
N PRO B 179 10.84 -5.78 -25.40
CA PRO B 179 10.46 -4.45 -24.92
C PRO B 179 9.06 -4.34 -24.30
N TYR B 180 8.43 -5.47 -23.95
CA TYR B 180 7.00 -5.43 -23.68
C TYR B 180 6.55 -5.04 -22.27
N LEU B 181 7.42 -5.21 -21.29
CA LEU B 181 7.16 -4.73 -19.95
C LEU B 181 6.81 -3.25 -19.93
N LYS B 182 7.29 -2.51 -20.92
CA LYS B 182 7.11 -1.05 -20.92
C LYS B 182 5.77 -0.61 -21.52
N TYR B 183 4.99 -1.57 -22.01
CA TYR B 183 3.70 -1.26 -22.62
C TYR B 183 2.53 -1.76 -21.77
N LEU B 184 1.47 -0.98 -21.70
CA LEU B 184 0.27 -1.42 -21.00
C LEU B 184 -0.42 -2.53 -21.78
N PRO B 185 -1.13 -3.43 -21.07
CA PRO B 185 -1.92 -4.48 -21.73
C PRO B 185 -2.91 -3.96 -22.77
N SER B 186 -3.58 -2.85 -22.46
CA SER B 186 -4.55 -2.32 -23.41
C SER B 186 -3.88 -1.91 -24.72
N VAL B 187 -2.62 -1.50 -24.63
CA VAL B 187 -1.88 -1.02 -25.79
C VAL B 187 -1.33 -2.19 -26.63
N ILE B 188 -0.75 -3.19 -25.97
CA ILE B 188 -0.28 -4.38 -26.64
C ILE B 188 -1.44 -5.05 -27.37
N ALA B 189 -2.60 -5.09 -26.74
CA ALA B 189 -3.79 -5.65 -27.35
C ALA B 189 -4.22 -4.83 -28.57
N GLY B 190 -4.13 -3.50 -28.46
CA GLY B 190 -4.53 -2.65 -29.56
C GLY B 190 -3.68 -2.90 -30.79
N ALA B 191 -2.39 -3.07 -30.57
CA ALA B 191 -1.45 -3.30 -31.65
C ALA B 191 -1.62 -4.72 -32.19
N ALA B 192 -1.72 -5.70 -31.29
CA ALA B 192 -1.90 -7.08 -31.73
C ALA B 192 -3.15 -7.14 -32.57
N PHE B 193 -4.18 -6.40 -32.17
CA PHE B 193 -5.46 -6.46 -32.86
C PHE B 193 -5.34 -5.88 -34.25
N HIS B 194 -4.76 -4.69 -34.37
CA HIS B 194 -4.64 -4.05 -35.67
C HIS B 194 -3.73 -4.82 -36.61
N LEU B 195 -2.68 -5.38 -36.05
CA LEU B 195 -1.71 -6.11 -36.85
C LEU B 195 -2.36 -7.36 -37.43
N ALA B 196 -3.16 -8.05 -36.63
CA ALA B 196 -3.85 -9.26 -37.09
C ALA B 196 -4.93 -8.90 -38.09
N LEU B 197 -5.70 -7.86 -37.78
CA LEU B 197 -6.73 -7.37 -38.67
C LEU B 197 -6.16 -6.98 -40.04
N TYR B 198 -4.94 -6.45 -40.03
CA TYR B 198 -4.28 -5.95 -41.25
C TYR B 198 -3.70 -7.09 -42.09
N THR B 199 -3.11 -8.08 -41.41
CA THR B 199 -2.58 -9.26 -42.09
C THR B 199 -3.68 -10.09 -42.75
N VAL B 200 -4.76 -10.33 -42.01
CA VAL B 200 -5.82 -11.20 -42.47
C VAL B 200 -6.81 -10.55 -43.44
N THR B 201 -7.17 -9.29 -43.20
CA THR B 201 -8.25 -8.68 -43.96
C THR B 201 -7.82 -7.38 -44.62
N GLY B 202 -6.62 -6.91 -44.28
CA GLY B 202 -6.13 -5.67 -44.85
C GLY B 202 -6.80 -4.43 -44.29
N GLN B 203 -7.75 -4.61 -43.37
CA GLN B 203 -8.39 -3.49 -42.66
C GLN B 203 -7.53 -3.01 -41.48
N SER B 204 -7.88 -1.84 -40.95
CA SER B 204 -7.11 -1.26 -39.83
C SER B 204 -7.95 -0.95 -38.60
N TRP B 205 -7.24 -0.85 -37.47
CA TRP B 205 -7.78 -0.31 -36.22
C TRP B 205 -8.93 0.65 -36.49
N PRO B 206 -10.17 0.23 -36.14
CA PRO B 206 -11.44 0.87 -36.50
C PRO B 206 -11.77 2.17 -35.78
N GLU B 207 -12.61 2.98 -36.42
CA GLU B 207 -13.05 4.24 -35.83
C GLU B 207 -13.71 3.99 -34.46
N SER B 208 -14.53 2.95 -34.40
CA SER B 208 -15.28 2.66 -33.19
C SER B 208 -14.35 2.42 -32.00
N LEU B 209 -13.13 1.97 -32.27
CA LEU B 209 -12.21 1.64 -31.19
C LEU B 209 -11.32 2.81 -30.83
N ILE B 210 -11.16 3.74 -31.77
CA ILE B 210 -10.50 5.00 -31.49
C ILE B 210 -11.36 5.78 -30.51
N ARG B 211 -12.67 5.78 -30.76
CA ARG B 211 -13.60 6.45 -29.86
C ARG B 211 -13.61 5.73 -28.51
N LYS B 212 -13.56 4.41 -28.54
CA LYS B 212 -13.70 3.62 -27.32
C LYS B 212 -12.46 3.71 -26.43
N THR B 213 -11.28 3.62 -27.03
CA THR B 213 -10.04 3.47 -26.27
C THR B 213 -9.28 4.77 -26.17
N GLY B 214 -9.62 5.72 -27.03
CA GLY B 214 -8.85 6.94 -27.13
C GLY B 214 -7.49 6.74 -27.76
N TYR B 215 -7.22 5.53 -28.25
CA TYR B 215 -5.97 5.24 -28.95
C TYR B 215 -6.09 5.46 -30.45
N THR B 216 -5.16 6.23 -31.01
CA THR B 216 -5.05 6.37 -32.45
C THR B 216 -4.07 5.35 -32.99
N LEU B 217 -4.06 5.17 -34.30
CA LEU B 217 -3.05 4.33 -34.90
C LEU B 217 -1.70 4.97 -34.57
N GLU B 218 -1.68 6.30 -34.57
CA GLU B 218 -0.50 7.07 -34.20
C GLU B 218 0.04 6.65 -32.83
N SER B 219 -0.82 6.71 -31.82
CA SER B 219 -0.41 6.35 -30.47
C SER B 219 0.06 4.90 -30.38
N LEU B 220 -0.51 4.04 -31.21
CA LEU B 220 -0.16 2.64 -31.19
C LEU B 220 1.18 2.36 -31.89
N LYS B 221 1.70 3.37 -32.58
CA LYS B 221 2.81 3.15 -33.51
C LYS B 221 4.02 2.46 -32.88
N PRO B 222 4.53 2.98 -31.75
CA PRO B 222 5.75 2.43 -31.15
C PRO B 222 5.61 0.97 -30.73
N CYS B 223 4.47 0.62 -30.14
CA CYS B 223 4.24 -0.78 -29.77
C CYS B 223 4.04 -1.63 -31.02
N LEU B 224 3.36 -1.05 -32.00
CA LEU B 224 3.10 -1.68 -33.28
C LEU B 224 4.41 -2.09 -33.97
N MET B 225 5.34 -1.15 -34.10
CA MET B 225 6.66 -1.43 -34.66
C MET B 225 7.32 -2.62 -33.99
N ASP B 226 7.30 -2.62 -32.65
CA ASP B 226 7.96 -3.67 -31.88
C ASP B 226 7.27 -4.99 -32.16
N LEU B 227 5.94 -4.96 -32.17
CA LEU B 227 5.18 -6.20 -32.26
C LEU B 227 5.36 -6.79 -33.65
N HIS B 228 5.32 -5.92 -34.65
CA HIS B 228 5.59 -6.31 -36.03
C HIS B 228 6.93 -7.02 -36.13
N GLN B 229 7.95 -6.42 -35.51
CA GLN B 229 9.29 -6.98 -35.53
C GLN B 229 9.30 -8.36 -34.90
N THR B 230 8.57 -8.52 -33.80
CA THR B 230 8.54 -9.79 -33.08
C THR B 230 7.85 -10.82 -33.97
N TYR B 231 6.88 -10.36 -34.73
CA TYR B 231 6.11 -11.22 -35.61
C TYR B 231 7.03 -11.74 -36.71
N LEU B 232 7.79 -10.83 -37.33
CA LEU B 232 8.75 -11.17 -38.38
C LEU B 232 9.81 -12.15 -37.89
N LYS B 233 10.43 -11.85 -36.76
CA LYS B 233 11.53 -12.68 -36.27
C LYS B 233 11.05 -13.93 -35.54
N ALA B 234 9.74 -14.12 -35.50
CA ALA B 234 9.15 -15.17 -34.69
C ALA B 234 9.74 -16.55 -34.98
N PRO B 235 9.88 -16.93 -36.27
CA PRO B 235 10.36 -18.27 -36.60
C PRO B 235 11.82 -18.49 -36.21
N GLN B 236 12.54 -17.37 -36.03
CA GLN B 236 13.94 -17.39 -35.62
C GLN B 236 14.09 -17.56 -34.10
N HIS B 237 13.10 -17.10 -33.36
CA HIS B 237 13.20 -17.00 -31.90
C HIS B 237 13.70 -18.29 -31.24
N ALA B 238 14.44 -18.10 -30.16
CA ALA B 238 14.96 -19.21 -29.37
C ALA B 238 13.84 -20.00 -28.69
N GLN B 239 12.77 -19.31 -28.33
CA GLN B 239 11.58 -19.96 -27.76
C GLN B 239 10.46 -20.11 -28.80
N GLN B 240 9.92 -21.32 -28.91
CA GLN B 240 9.06 -21.68 -30.04
C GLN B 240 7.70 -22.24 -29.65
N SER B 241 7.51 -22.57 -28.37
CA SER B 241 6.31 -23.25 -27.92
C SER B 241 5.01 -22.61 -28.37
N ILE B 242 5.02 -21.28 -28.50
CA ILE B 242 3.81 -20.56 -28.86
C ILE B 242 3.48 -20.73 -30.35
N ARG B 243 4.49 -20.65 -31.21
CA ARG B 243 4.31 -20.93 -32.65
C ARG B 243 3.80 -22.35 -32.90
N GLU B 244 4.38 -23.33 -32.22
CA GLU B 244 3.88 -24.68 -32.33
C GLU B 244 2.41 -24.70 -31.99
N LYS B 245 2.04 -24.00 -30.92
CA LYS B 245 0.67 -24.00 -30.43
C LYS B 245 -0.29 -23.46 -31.47
N TYR B 246 0.13 -22.43 -32.19
CA TYR B 246 -0.77 -21.70 -33.08
C TYR B 246 -0.74 -22.16 -34.54
N LYS B 247 -0.06 -23.25 -34.82
CA LYS B 247 -0.22 -23.89 -36.11
C LYS B 247 -1.24 -25.03 -36.02
N ASN B 248 -1.83 -25.20 -34.84
CA ASN B 248 -2.97 -26.09 -34.68
C ASN B 248 -4.15 -25.56 -35.46
N SER B 249 -5.00 -26.47 -35.93
CA SER B 249 -6.18 -26.07 -36.66
C SER B 249 -7.16 -25.38 -35.71
N LYS B 250 -7.02 -25.65 -34.42
CA LYS B 250 -7.84 -24.97 -33.41
C LYS B 250 -7.71 -23.45 -33.58
N TYR B 251 -6.55 -23.01 -34.04
CA TYR B 251 -6.28 -21.60 -34.23
C TYR B 251 -6.09 -21.23 -35.70
N HIS B 252 -6.56 -22.09 -36.59
CA HIS B 252 -6.49 -21.81 -38.03
C HIS B 252 -5.05 -21.66 -38.51
N GLY B 253 -4.12 -22.31 -37.81
CA GLY B 253 -2.73 -22.29 -38.22
C GLY B 253 -2.15 -20.91 -38.48
N VAL B 254 -2.60 -19.91 -37.74
CA VAL B 254 -2.24 -18.53 -38.02
C VAL B 254 -0.75 -18.25 -37.81
N SER B 255 -0.06 -19.13 -37.09
CA SER B 255 1.38 -18.94 -36.88
C SER B 255 2.15 -19.27 -38.15
N LEU B 256 1.44 -19.77 -39.16
CA LEU B 256 2.04 -20.07 -40.46
C LEU B 256 1.85 -18.92 -41.44
N LEU B 257 0.92 -18.01 -41.13
CA LEU B 257 0.68 -16.84 -41.99
C LEU B 257 1.91 -15.95 -42.11
N ASN B 258 2.09 -15.38 -43.29
CA ASN B 258 3.24 -14.53 -43.54
C ASN B 258 2.93 -13.10 -43.12
N PRO B 259 3.76 -12.55 -42.23
CA PRO B 259 3.61 -11.16 -41.80
C PRO B 259 3.82 -10.23 -42.99
N PRO B 260 3.10 -9.10 -43.02
CA PRO B 260 3.38 -8.11 -44.04
C PRO B 260 4.84 -7.71 -44.03
N GLU B 261 5.33 -7.26 -45.17
CA GLU B 261 6.73 -6.84 -45.27
C GLU B 261 6.90 -5.58 -44.45
N THR B 262 5.93 -4.68 -44.56
CA THR B 262 5.97 -3.43 -43.83
C THR B 262 4.54 -3.03 -43.51
N LEU B 263 4.35 -2.30 -42.42
CA LEU B 263 3.05 -1.69 -42.15
C LEU B 263 2.99 -0.40 -42.94
N ASN B 264 1.79 0.06 -43.26
CA ASN B 264 1.67 1.30 -44.02
C ASN B 264 1.29 2.44 -43.08
N LEU B 265 2.07 2.61 -42.03
CA LEU B 265 1.82 3.63 -41.02
C LEU B 265 2.44 4.95 -41.42
N ASP C 5 6.14 -17.71 8.15
CA ASP C 5 6.77 -16.43 7.69
C ASP C 5 8.24 -16.32 8.15
N MET C 6 8.46 -16.44 9.46
CA MET C 6 9.81 -16.54 10.02
C MET C 6 10.39 -17.93 9.80
N GLU C 7 9.52 -18.85 9.42
CA GLU C 7 9.91 -20.22 9.11
C GLU C 7 10.75 -20.26 7.82
N ASN C 8 10.57 -19.27 6.97
CA ASN C 8 11.14 -19.33 5.62
C ASN C 8 12.58 -18.83 5.55
N PHE C 9 13.16 -18.48 6.69
CA PHE C 9 14.57 -18.12 6.75
C PHE C 9 15.41 -19.22 7.38
N GLN C 10 16.59 -19.47 6.80
CA GLN C 10 17.58 -20.33 7.41
C GLN C 10 18.71 -19.45 7.94
N LYS C 11 18.99 -19.58 9.24
CA LYS C 11 20.07 -18.81 9.84
C LYS C 11 21.37 -19.46 9.40
N VAL C 12 22.32 -18.65 8.94
CA VAL C 12 23.60 -19.18 8.48
C VAL C 12 24.74 -18.90 9.47
N GLU C 13 24.78 -17.70 10.03
CA GLU C 13 25.80 -17.38 11.04
C GLU C 13 25.60 -16.00 11.67
N LYS C 14 25.93 -15.88 12.96
CA LYS C 14 25.91 -14.59 13.64
C LYS C 14 26.93 -13.65 12.99
N ILE C 15 26.52 -12.43 12.68
CA ILE C 15 27.43 -11.45 12.09
C ILE C 15 27.43 -10.12 12.85
N GLY C 16 26.64 -10.06 13.92
CA GLY C 16 26.56 -8.86 14.72
C GLY C 16 25.96 -9.11 16.10
N GLU C 17 26.42 -8.35 17.09
CA GLU C 17 25.97 -8.45 18.48
C GLU C 17 25.95 -7.03 19.04
N GLY C 18 25.06 -6.76 19.98
CA GLY C 18 25.02 -5.44 20.57
C GLY C 18 23.99 -5.33 21.68
N THR C 19 23.91 -4.15 22.29
CA THR C 19 22.88 -3.87 23.27
C THR C 19 21.55 -4.10 22.59
N TYR C 20 21.49 -3.73 21.31
CA TYR C 20 20.26 -3.81 20.51
C TYR C 20 19.74 -5.23 20.36
N GLY C 21 20.65 -6.20 20.30
CA GLY C 21 20.27 -7.56 20.00
C GLY C 21 21.29 -8.23 19.10
N VAL C 22 20.83 -9.19 18.30
CA VAL C 22 21.73 -9.95 17.44
C VAL C 22 21.39 -9.73 15.97
N VAL C 23 22.38 -9.89 15.10
CA VAL C 23 22.12 -9.96 13.66
C VAL C 23 22.69 -11.25 13.06
N TYR C 24 21.84 -12.01 12.39
CA TYR C 24 22.27 -13.22 11.70
C TYR C 24 22.31 -12.99 10.20
N LYS C 25 23.26 -13.65 9.55
CA LYS C 25 23.17 -13.83 8.11
C LYS C 25 22.21 -14.99 7.91
N ALA C 26 21.23 -14.80 7.04
CA ALA C 26 20.23 -15.82 6.82
C ALA C 26 19.91 -15.99 5.34
N ARG C 27 19.31 -17.13 5.03
CA ARG C 27 18.94 -17.50 3.66
C ARG C 27 17.42 -17.71 3.59
N ASN C 28 16.76 -16.99 2.69
CA ASN C 28 15.34 -17.21 2.40
C ASN C 28 15.19 -18.60 1.77
N LYS C 29 14.51 -19.52 2.45
CA LYS C 29 14.46 -20.90 2.01
C LYS C 29 13.74 -21.07 0.68
N LEU C 30 12.92 -20.09 0.31
CA LEU C 30 12.08 -20.24 -0.87
C LEU C 30 12.64 -19.51 -2.07
N THR C 31 13.17 -18.31 -1.86
CA THR C 31 13.66 -17.52 -2.98
C THR C 31 15.18 -17.61 -3.11
N GLY C 32 15.84 -18.05 -2.05
CA GLY C 32 17.28 -18.19 -2.06
C GLY C 32 18.01 -16.92 -1.67
N GLU C 33 17.26 -15.82 -1.63
CA GLU C 33 17.84 -14.52 -1.32
C GLU C 33 18.62 -14.56 -0.02
N VAL C 34 19.80 -13.94 -0.04
CA VAL C 34 20.63 -13.86 1.17
C VAL C 34 20.45 -12.53 1.90
N VAL C 35 20.22 -12.63 3.19
CA VAL C 35 19.67 -11.53 3.95
C VAL C 35 20.42 -11.33 5.28
N ALA C 36 20.45 -10.10 5.77
CA ALA C 36 20.90 -9.84 7.13
C ALA C 36 19.72 -9.60 8.06
N LEU C 37 19.54 -10.51 9.00
CA LEU C 37 18.33 -10.60 9.82
C LEU C 37 18.65 -10.09 11.23
N LYS C 38 18.14 -8.91 11.59
CA LYS C 38 18.35 -8.38 12.94
C LYS C 38 17.25 -8.80 13.91
N LYS C 39 17.63 -9.42 15.02
CA LYS C 39 16.65 -9.85 16.01
C LYS C 39 16.71 -8.98 17.26
N ILE C 40 15.56 -8.44 17.64
CA ILE C 40 15.43 -7.64 18.85
C ILE C 40 14.47 -8.36 19.78
N ARG C 41 14.81 -8.43 21.06
CA ARG C 41 13.91 -9.03 22.04
C ARG C 41 13.10 -7.93 22.71
N LEU C 42 11.81 -8.18 22.90
CA LEU C 42 10.90 -7.16 23.39
C LEU C 42 10.55 -7.37 24.85
N ASP C 43 10.53 -6.27 25.60
CA ASP C 43 9.96 -6.22 26.94
C ASP C 43 8.46 -5.97 26.78
N THR C 44 7.66 -7.02 26.96
CA THR C 44 6.25 -7.00 26.58
C THR C 44 5.33 -6.46 27.68
N GLU C 45 5.91 -6.04 28.80
CA GLU C 45 5.11 -5.47 29.88
C GLU C 45 5.58 -4.09 30.36
N THR C 46 6.84 -3.76 30.08
CA THR C 46 7.40 -2.49 30.59
C THR C 46 8.19 -1.65 29.59
N GLU C 47 8.40 -2.14 28.38
CA GLU C 47 9.06 -1.32 27.37
C GLU C 47 8.31 -1.19 26.04
N GLY C 48 7.80 -2.30 25.52
CA GLY C 48 7.24 -2.29 24.18
C GLY C 48 8.33 -2.22 23.11
N VAL C 49 8.00 -1.67 21.95
CA VAL C 49 8.98 -1.52 20.89
C VAL C 49 9.95 -0.39 21.20
N PRO C 50 11.26 -0.69 21.27
CA PRO C 50 12.28 0.31 21.58
C PRO C 50 12.32 1.51 20.63
N SER C 51 12.65 2.68 21.17
CA SER C 51 12.70 3.92 20.41
C SER C 51 13.67 3.88 19.25
N THR C 52 14.80 3.20 19.40
CA THR C 52 15.75 3.19 18.29
C THR C 52 15.17 2.39 17.14
N ALA C 53 14.39 1.37 17.44
CA ALA C 53 13.73 0.59 16.39
C ALA C 53 12.63 1.39 15.68
N ILE C 54 11.78 2.07 16.46
CA ILE C 54 10.78 2.99 15.92
C ILE C 54 11.47 3.91 14.91
N ARG C 55 12.58 4.50 15.31
CA ARG C 55 13.22 5.48 14.46
C ARG C 55 13.96 4.84 13.29
N GLU C 56 14.65 3.72 13.53
CA GLU C 56 15.38 3.13 12.43
C GLU C 56 14.41 2.72 11.35
N ILE C 57 13.34 2.02 11.72
CA ILE C 57 12.41 1.49 10.75
C ILE C 57 11.70 2.59 9.96
N SER C 58 11.14 3.57 10.66
CA SER C 58 10.31 4.53 9.97
C SER C 58 11.16 5.45 9.11
N LEU C 59 12.38 5.76 9.56
CA LEU C 59 13.25 6.62 8.76
C LEU C 59 13.85 5.84 7.60
N LEU C 60 14.27 4.61 7.87
CA LEU C 60 14.98 3.84 6.86
C LEU C 60 14.09 3.50 5.66
N LYS C 61 12.79 3.32 5.88
CA LYS C 61 11.95 3.02 4.74
C LYS C 61 11.51 4.25 3.96
N GLU C 62 11.92 5.43 4.41
CA GLU C 62 11.79 6.64 3.59
C GLU C 62 13.02 6.83 2.70
N LEU C 63 14.14 6.25 3.11
CA LEU C 63 15.39 6.48 2.42
C LEU C 63 15.70 5.29 1.52
N ASN C 64 15.18 5.33 0.30
CA ASN C 64 15.58 4.33 -0.67
C ASN C 64 16.72 4.91 -1.52
N HIS C 65 17.90 4.30 -1.43
CA HIS C 65 19.09 4.79 -2.11
C HIS C 65 20.13 3.69 -2.18
N PRO C 66 20.94 3.69 -3.24
CA PRO C 66 21.93 2.61 -3.41
C PRO C 66 23.05 2.62 -2.36
N ASN C 67 23.30 3.79 -1.77
CA ASN C 67 24.34 3.95 -0.74
C ASN C 67 23.79 4.01 0.69
N ILE C 68 22.60 3.45 0.90
CA ILE C 68 21.98 3.40 2.23
C ILE C 68 21.38 2.02 2.41
N VAL C 69 21.85 1.27 3.40
CA VAL C 69 21.47 -0.12 3.51
C VAL C 69 19.95 -0.25 3.39
N LYS C 70 19.49 -1.28 2.71
CA LYS C 70 18.09 -1.39 2.35
C LYS C 70 17.37 -2.25 3.37
N LEU C 71 16.30 -1.71 3.95
CA LEU C 71 15.43 -2.46 4.86
C LEU C 71 14.35 -3.14 4.02
N LEU C 72 14.39 -4.47 3.99
CA LEU C 72 13.54 -5.26 3.13
C LEU C 72 12.22 -5.65 3.79
N ASP C 73 12.18 -5.64 5.11
CA ASP C 73 11.01 -6.20 5.80
C ASP C 73 11.07 -6.01 7.32
N VAL C 74 9.90 -5.99 7.96
CA VAL C 74 9.80 -5.97 9.41
C VAL C 74 8.85 -7.05 9.83
N ILE C 75 9.24 -7.87 10.80
CA ILE C 75 8.31 -8.86 11.35
C ILE C 75 8.14 -8.65 12.85
N HIS C 76 6.89 -8.44 13.26
CA HIS C 76 6.59 -8.03 14.64
C HIS C 76 5.67 -9.08 15.27
N THR C 77 6.27 -10.02 16.00
CA THR C 77 5.48 -11.05 16.69
C THR C 77 5.16 -10.60 18.10
N GLU C 78 4.73 -11.54 18.94
CA GLU C 78 4.40 -11.20 20.32
C GLU C 78 5.62 -10.60 21.04
N ASN C 79 6.75 -11.31 20.98
CA ASN C 79 7.91 -10.96 21.80
C ASN C 79 9.13 -10.57 20.99
N LYS C 80 9.14 -10.92 19.71
CA LYS C 80 10.29 -10.65 18.87
C LYS C 80 9.95 -9.58 17.83
N LEU C 81 10.89 -8.69 17.57
CA LEU C 81 10.83 -7.80 16.43
C LEU C 81 12.01 -8.09 15.51
N TYR C 82 11.74 -8.46 14.27
CA TYR C 82 12.80 -8.70 13.29
C TYR C 82 12.87 -7.63 12.21
N LEU C 83 14.09 -7.12 11.98
CA LEU C 83 14.34 -6.31 10.81
C LEU C 83 15.14 -7.11 9.78
N VAL C 84 14.65 -7.14 8.54
CA VAL C 84 15.33 -7.85 7.48
C VAL C 84 16.00 -6.84 6.55
N PHE C 85 17.32 -6.91 6.45
CA PHE C 85 18.10 -6.01 5.60
C PHE C 85 18.74 -6.79 4.46
N GLU C 86 19.16 -6.06 3.43
CA GLU C 86 20.05 -6.64 2.42
C GLU C 86 21.39 -6.98 3.06
N PHE C 87 21.99 -8.08 2.64
CA PHE C 87 23.26 -8.52 3.18
C PHE C 87 24.44 -7.88 2.43
N LEU C 88 25.36 -7.28 3.18
CA LEU C 88 26.67 -6.91 2.65
C LEU C 88 27.80 -7.68 3.32
N HIS C 89 28.98 -7.68 2.71
CA HIS C 89 29.99 -8.69 3.01
C HIS C 89 30.88 -8.35 4.19
N GLN C 90 30.98 -7.06 4.51
CA GLN C 90 32.02 -6.59 5.40
C GLN C 90 31.76 -5.13 5.77
N ASP C 91 32.10 -4.75 6.99
CA ASP C 91 32.07 -3.33 7.35
C ASP C 91 33.43 -2.69 7.07
N LEU C 92 33.47 -1.35 7.05
CA LEU C 92 34.66 -0.63 6.63
C LEU C 92 35.74 -0.66 7.70
N LYS C 93 35.37 -1.00 8.92
CA LYS C 93 36.34 -1.05 10.00
C LYS C 93 37.27 -2.24 9.80
N LYS C 94 36.69 -3.38 9.49
CA LYS C 94 37.43 -4.62 9.33
C LYS C 94 38.25 -4.59 8.04
N PHE C 95 37.81 -3.80 7.08
CA PHE C 95 38.55 -3.66 5.83
C PHE C 95 39.73 -2.72 6.03
N MET C 96 39.51 -1.65 6.78
CA MET C 96 40.58 -0.69 7.10
C MET C 96 41.67 -1.37 7.92
N ASP C 97 41.25 -2.32 8.75
CA ASP C 97 42.17 -3.05 9.61
C ASP C 97 42.96 -4.06 8.78
N ALA C 98 42.25 -4.77 7.91
CA ALA C 98 42.88 -5.76 7.05
C ALA C 98 43.85 -5.08 6.07
N SER C 99 43.71 -3.78 5.90
CA SER C 99 44.49 -3.05 4.91
C SER C 99 45.51 -2.08 5.53
N ALA C 100 45.87 -2.32 6.79
CA ALA C 100 46.78 -1.40 7.48
C ALA C 100 48.20 -1.53 6.94
N LEU C 101 48.55 -2.72 6.48
CA LEU C 101 49.85 -2.97 5.87
C LEU C 101 49.98 -2.27 4.52
N THR C 102 49.18 -2.71 3.56
CA THR C 102 49.26 -2.20 2.20
C THR C 102 48.68 -0.80 2.09
N GLY C 103 47.68 -0.53 2.92
CA GLY C 103 46.93 0.71 2.80
C GLY C 103 45.75 0.52 1.87
N ILE C 104 44.75 1.38 1.97
CA ILE C 104 43.67 1.39 1.00
C ILE C 104 44.09 2.25 -0.18
N PRO C 105 43.95 1.71 -1.39
CA PRO C 105 44.27 2.42 -2.64
C PRO C 105 43.54 3.76 -2.71
N LEU C 106 44.26 4.82 -3.07
CA LEU C 106 43.64 6.13 -3.20
C LEU C 106 42.41 6.11 -4.12
N PRO C 107 42.49 5.41 -5.26
CA PRO C 107 41.31 5.32 -6.13
C PRO C 107 40.09 4.80 -5.41
N LEU C 108 40.29 3.83 -4.51
CA LEU C 108 39.18 3.21 -3.79
C LEU C 108 38.66 4.13 -2.69
N ILE C 109 39.56 4.87 -2.07
CA ILE C 109 39.16 5.82 -1.04
C ILE C 109 38.27 6.87 -1.66
N LYS C 110 38.68 7.37 -2.83
CA LYS C 110 37.90 8.38 -3.52
C LYS C 110 36.50 7.83 -3.84
N SER C 111 36.46 6.61 -4.36
CA SER C 111 35.20 5.93 -4.67
C SER C 111 34.28 5.91 -3.46
N TYR C 112 34.78 5.39 -2.35
CA TYR C 112 34.01 5.28 -1.12
C TYR C 112 33.54 6.62 -0.57
N LEU C 113 34.42 7.61 -0.51
CA LEU C 113 34.06 8.92 0.04
C LEU C 113 33.07 9.63 -0.88
N PHE C 114 33.09 9.27 -2.15
CA PHE C 114 32.16 9.80 -3.14
C PHE C 114 30.79 9.18 -2.90
N GLN C 115 30.77 7.86 -2.76
CA GLN C 115 29.54 7.14 -2.48
C GLN C 115 28.93 7.56 -1.14
N LEU C 116 29.75 7.63 -0.09
CA LEU C 116 29.24 7.94 1.23
C LEU C 116 28.55 9.31 1.23
N LEU C 117 29.14 10.27 0.52
CA LEU C 117 28.54 11.60 0.43
C LEU C 117 27.23 11.57 -0.35
N GLN C 118 27.05 10.58 -1.21
CA GLN C 118 25.80 10.44 -1.94
C GLN C 118 24.69 9.95 -1.03
N GLY C 119 24.95 8.86 -0.32
CA GLY C 119 24.03 8.42 0.72
C GLY C 119 23.73 9.49 1.77
N LEU C 120 24.74 10.28 2.11
CA LEU C 120 24.56 11.28 3.16
C LEU C 120 23.76 12.44 2.62
N ALA C 121 24.05 12.85 1.39
CA ALA C 121 23.34 13.99 0.79
C ALA C 121 21.87 13.64 0.70
N PHE C 122 21.59 12.35 0.53
CA PHE C 122 20.22 11.90 0.37
C PHE C 122 19.50 11.93 1.71
N CYS C 123 20.17 11.46 2.76
CA CYS C 123 19.62 11.58 4.11
C CYS C 123 19.27 13.04 4.39
N HIS C 124 20.24 13.93 4.24
CA HIS C 124 20.04 15.29 4.70
C HIS C 124 18.97 16.00 3.89
N SER C 125 18.82 15.61 2.63
CA SER C 125 17.78 16.23 1.80
C SER C 125 16.39 15.70 2.16
N HIS C 126 16.32 14.57 2.85
CA HIS C 126 15.08 14.09 3.44
C HIS C 126 15.04 14.31 4.97
N ARG C 127 15.64 15.40 5.41
CA ARG C 127 15.73 15.75 6.82
C ARG C 127 15.98 14.58 7.77
N VAL C 128 17.07 13.86 7.54
CA VAL C 128 17.53 12.84 8.46
C VAL C 128 18.98 13.09 8.85
N LEU C 129 19.25 13.18 10.15
CA LEU C 129 20.62 13.11 10.66
C LEU C 129 20.93 11.66 10.94
N HIS C 130 22.15 11.22 10.60
CA HIS C 130 22.56 9.87 10.95
C HIS C 130 23.15 9.82 12.37
N ARG C 131 24.12 10.71 12.61
CA ARG C 131 24.65 10.99 13.93
C ARG C 131 25.59 9.93 14.53
N ASP C 132 25.79 8.84 13.81
CA ASP C 132 26.69 7.79 14.28
C ASP C 132 27.55 7.23 13.15
N LEU C 133 28.05 8.12 12.28
CA LEU C 133 28.89 7.69 11.18
C LEU C 133 30.29 7.35 11.67
N LYS C 134 30.59 6.05 11.68
CA LYS C 134 31.88 5.56 12.06
C LYS C 134 32.15 4.29 11.28
N PRO C 135 33.42 3.91 11.16
CA PRO C 135 33.83 2.89 10.18
C PRO C 135 33.05 1.60 10.19
N GLN C 136 32.63 1.12 11.36
CA GLN C 136 31.98 -0.19 11.40
C GLN C 136 30.46 -0.12 11.21
N ASN C 137 29.94 1.08 10.98
CA ASN C 137 28.55 1.26 10.60
C ASN C 137 28.42 1.50 9.09
N LEU C 138 29.53 1.45 8.37
CA LEU C 138 29.54 1.57 6.92
C LEU C 138 29.82 0.20 6.32
N LEU C 139 29.02 -0.21 5.33
CA LEU C 139 29.13 -1.57 4.81
C LEU C 139 29.55 -1.59 3.34
N ILE C 140 30.32 -2.62 3.00
CA ILE C 140 30.88 -2.76 1.66
C ILE C 140 30.59 -4.15 1.12
N ASN C 141 30.29 -4.22 -0.17
CA ASN C 141 30.17 -5.51 -0.84
C ASN C 141 31.36 -5.73 -1.75
N THR C 142 31.36 -6.83 -2.47
CA THR C 142 32.51 -7.20 -3.27
C THR C 142 32.57 -6.51 -4.63
N GLU C 143 31.49 -5.80 -5.00
CA GLU C 143 31.46 -5.06 -6.27
C GLU C 143 31.91 -3.61 -6.17
N GLY C 144 32.33 -3.19 -4.98
CA GLY C 144 32.91 -1.86 -4.85
C GLY C 144 31.97 -0.83 -4.27
N ALA C 145 30.80 -1.29 -3.84
CA ALA C 145 29.80 -0.40 -3.27
C ALA C 145 29.99 -0.24 -1.76
N ILE C 146 29.65 0.94 -1.25
CA ILE C 146 29.62 1.17 0.19
C ILE C 146 28.33 1.90 0.60
N LYS C 147 27.75 1.46 1.70
CA LYS C 147 26.43 1.98 2.13
C LYS C 147 26.38 2.38 3.61
N LEU C 148 25.66 3.45 3.91
CA LEU C 148 25.39 3.83 5.30
C LEU C 148 24.48 2.81 5.98
N ALA C 149 24.82 2.40 7.20
CA ALA C 149 23.98 1.50 7.99
C ALA C 149 23.91 1.92 9.45
N ASP C 150 23.12 1.18 10.21
CA ASP C 150 22.87 1.45 11.63
C ASP C 150 22.30 2.84 11.89
N PHE C 151 21.02 3.00 11.62
CA PHE C 151 20.34 4.27 11.86
C PHE C 151 19.66 4.36 13.23
N GLY C 152 20.17 3.60 14.19
CA GLY C 152 19.60 3.59 15.53
C GLY C 152 19.57 4.97 16.19
N LEU C 153 20.58 5.78 15.88
CA LEU C 153 20.68 7.10 16.49
C LEU C 153 20.17 8.22 15.58
N ALA C 154 19.58 7.86 14.44
CA ALA C 154 19.14 8.85 13.47
C ALA C 154 17.89 9.59 13.90
N ARG C 155 17.78 10.86 13.51
CA ARG C 155 16.65 11.70 13.88
C ARG C 155 16.13 12.48 12.69
N ALA C 156 14.81 12.68 12.62
CA ALA C 156 14.24 13.61 11.65
C ALA C 156 14.46 15.02 12.18
N PHE C 157 14.94 15.94 11.34
CA PHE C 157 15.10 17.31 11.81
C PHE C 157 14.22 18.38 11.14
N GLY C 158 13.03 17.99 10.71
CA GLY C 158 12.04 18.97 10.27
C GLY C 158 11.74 19.98 11.36
N VAL C 159 11.89 19.54 12.61
CA VAL C 159 12.01 20.42 13.79
C VAL C 159 13.40 20.16 14.38
N PRO C 160 14.08 21.21 14.85
CA PRO C 160 15.50 21.10 15.25
C PRO C 160 15.76 20.05 16.33
N VAL C 161 16.84 19.30 16.15
CA VAL C 161 17.21 18.21 17.05
C VAL C 161 18.12 18.66 18.19
N ARG C 162 17.66 18.48 19.42
CA ARG C 162 18.39 18.96 20.60
C ARG C 162 19.47 17.96 21.01
N THR C 163 20.57 18.48 21.53
CA THR C 163 21.73 17.65 21.82
C THR C 163 21.61 16.92 23.15
N TYR C 164 21.92 15.62 23.11
CA TYR C 164 21.90 14.79 24.31
C TYR C 164 22.83 15.39 25.35
N THR C 165 22.28 15.68 26.52
CA THR C 165 23.05 16.26 27.61
C THR C 165 24.24 15.34 27.91
N HIS C 166 24.06 14.06 27.60
CA HIS C 166 25.15 13.09 27.63
C HIS C 166 25.31 12.43 26.28
N GLU C 167 26.46 12.72 25.70
CA GLU C 167 26.71 12.67 24.28
C GLU C 167 26.42 11.37 23.55
N VAL C 168 26.60 11.38 22.23
CA VAL C 168 25.96 10.43 21.31
C VAL C 168 26.97 9.77 20.36
N VAL C 169 27.45 10.59 19.43
CA VAL C 169 28.46 10.19 18.47
C VAL C 169 29.68 9.64 19.23
N THR C 170 30.14 8.45 18.87
CA THR C 170 31.37 7.90 19.46
C THR C 170 32.50 8.94 19.38
N LEU C 171 33.33 9.00 20.42
CA LEU C 171 34.09 10.22 20.71
C LEU C 171 35.08 10.63 19.62
N TRP C 172 35.77 9.67 19.02
CA TRP C 172 36.78 9.97 18.01
C TRP C 172 36.23 10.75 16.82
N TYR C 173 34.93 10.61 16.55
CA TYR C 173 34.36 11.16 15.34
C TYR C 173 33.43 12.30 15.61
N ARG C 174 33.40 12.69 16.88
CA ARG C 174 32.49 13.69 17.38
C ARG C 174 33.01 15.07 17.00
N ALA C 175 32.09 16.00 16.74
CA ALA C 175 32.43 17.28 16.16
C ALA C 175 32.64 18.36 17.21
N PRO C 176 33.44 19.40 16.89
CA PRO C 176 33.83 20.43 17.84
C PRO C 176 32.64 21.08 18.51
N GLU C 177 31.59 21.32 17.74
CA GLU C 177 30.42 22.03 18.23
C GLU C 177 29.78 21.25 19.36
N ILE C 178 29.78 19.93 19.22
CA ILE C 178 29.17 19.08 20.22
C ILE C 178 30.03 19.09 21.48
N LEU C 179 31.34 18.94 21.29
CA LEU C 179 32.25 18.92 22.42
C LEU C 179 32.18 20.24 23.17
N LEU C 180 32.12 21.35 22.44
CA LEU C 180 31.96 22.66 23.05
C LEU C 180 30.53 22.88 23.54
N GLY C 181 29.66 21.90 23.29
CA GLY C 181 28.35 21.87 23.93
C GLY C 181 27.30 22.82 23.39
N CYS C 182 27.14 22.90 22.07
CA CYS C 182 26.07 23.71 21.50
C CYS C 182 24.73 23.03 21.70
N LYS C 183 23.66 23.81 21.48
CA LYS C 183 22.31 23.40 21.87
C LYS C 183 21.68 22.41 20.88
N TYR C 184 22.07 22.50 19.61
CA TYR C 184 21.46 21.66 18.58
C TYR C 184 22.46 20.93 17.68
N TYR C 185 22.04 19.77 17.16
CA TYR C 185 22.77 19.14 16.08
C TYR C 185 22.41 19.83 14.77
N SER C 186 23.29 19.71 13.78
CA SER C 186 23.00 20.14 12.42
C SER C 186 23.54 19.06 11.50
N THR C 187 23.32 19.19 10.21
CA THR C 187 23.86 18.22 9.26
C THR C 187 25.39 18.17 9.31
N ALA C 188 25.99 19.27 9.78
CA ALA C 188 27.44 19.40 9.77
C ALA C 188 28.17 18.36 10.61
N VAL C 189 27.52 17.79 11.63
CA VAL C 189 28.22 16.85 12.49
C VAL C 189 28.40 15.53 11.77
N ASP C 190 27.53 15.26 10.80
CA ASP C 190 27.69 14.07 9.95
C ASP C 190 28.87 14.24 9.01
N ILE C 191 29.05 15.47 8.51
CA ILE C 191 30.15 15.77 7.61
C ILE C 191 31.46 15.62 8.35
N TRP C 192 31.53 16.25 9.53
CA TRP C 192 32.71 16.13 10.36
C TRP C 192 33.14 14.67 10.48
N SER C 193 32.22 13.81 10.91
CA SER C 193 32.53 12.40 11.09
C SER C 193 33.14 11.86 9.81
N LEU C 194 32.60 12.30 8.68
CA LEU C 194 33.00 11.76 7.39
C LEU C 194 34.41 12.25 7.03
N GLY C 195 34.72 13.48 7.43
CA GLY C 195 36.08 13.96 7.28
C GLY C 195 37.06 13.07 8.04
N CYS C 196 36.77 12.81 9.30
CA CYS C 196 37.63 11.96 10.11
C CYS C 196 37.84 10.60 9.48
N ILE C 197 36.77 10.00 8.97
CA ILE C 197 36.89 8.69 8.34
C ILE C 197 37.71 8.78 7.06
N PHE C 198 37.59 9.90 6.38
CA PHE C 198 38.35 10.16 5.17
C PHE C 198 39.83 10.11 5.55
N ALA C 199 40.29 11.11 6.30
CA ALA C 199 41.66 11.15 6.80
C ALA C 199 42.15 9.77 7.23
N GLU C 200 41.35 9.10 8.04
CA GLU C 200 41.73 7.82 8.60
C GLU C 200 41.96 6.75 7.54
N MET C 201 41.27 6.84 6.42
CA MET C 201 41.50 5.87 5.33
C MET C 201 42.82 6.18 4.63
N VAL C 202 43.11 7.48 4.52
CA VAL C 202 44.34 7.96 3.89
C VAL C 202 45.59 7.65 4.72
N THR C 203 45.51 7.83 6.03
CA THR C 203 46.68 7.75 6.90
C THR C 203 46.79 6.43 7.67
N ARG C 204 45.79 5.56 7.53
CA ARG C 204 45.78 4.26 8.22
C ARG C 204 45.57 4.38 9.74
N ARG C 205 45.31 5.60 10.23
CA ARG C 205 45.15 5.85 11.66
C ARG C 205 44.09 6.92 11.98
N ALA C 206 43.37 6.69 13.08
CA ALA C 206 42.32 7.60 13.50
C ALA C 206 42.85 9.03 13.66
N LEU C 207 42.11 10.00 13.13
CA LEU C 207 42.62 11.36 13.08
C LEU C 207 42.69 11.99 14.47
N PHE C 208 41.66 11.76 15.29
CA PHE C 208 41.58 12.39 16.61
C PHE C 208 41.18 11.39 17.70
N PRO C 209 42.06 10.42 17.99
CA PRO C 209 41.76 9.36 18.96
C PRO C 209 41.77 9.83 20.41
N GLY C 210 40.80 10.65 20.79
CA GLY C 210 40.79 11.24 22.12
C GLY C 210 40.51 10.26 23.24
N ASP C 211 40.97 10.60 24.44
CA ASP C 211 40.79 9.74 25.62
C ASP C 211 39.58 10.20 26.42
N SER C 212 39.23 11.48 26.27
CA SER C 212 38.11 12.08 26.98
C SER C 212 37.61 13.26 26.15
N GLU C 213 36.44 13.79 26.52
CA GLU C 213 35.89 14.92 25.79
C GLU C 213 36.94 16.01 25.64
N ILE C 214 37.61 16.32 26.74
CA ILE C 214 38.56 17.44 26.75
C ILE C 214 39.83 17.09 25.96
N ASP C 215 40.29 15.85 26.06
CA ASP C 215 41.46 15.43 25.31
C ASP C 215 41.16 15.41 23.82
N GLN C 216 39.91 15.06 23.48
CA GLN C 216 39.46 15.06 22.09
C GLN C 216 39.58 16.48 21.54
N LEU C 217 38.92 17.41 22.25
CA LEU C 217 38.93 18.81 21.88
C LEU C 217 40.34 19.28 21.59
N PHE C 218 41.29 18.86 22.42
CA PHE C 218 42.64 19.36 22.30
C PHE C 218 43.41 18.74 21.15
N ARG C 219 43.20 17.46 20.89
CA ARG C 219 43.88 16.82 19.77
C ARG C 219 43.47 17.54 18.50
N ILE C 220 42.21 17.96 18.48
CA ILE C 220 41.66 18.70 17.34
C ILE C 220 42.36 20.05 17.25
N PHE C 221 42.36 20.79 18.36
CA PHE C 221 43.03 22.08 18.42
C PHE C 221 44.47 22.02 17.94
N ARG C 222 45.19 20.94 18.29
CA ARG C 222 46.61 20.84 17.95
C ARG C 222 46.86 20.55 16.49
N THR C 223 45.83 20.12 15.77
CA THR C 223 45.96 19.85 14.34
C THR C 223 45.38 20.98 13.49
N LEU C 224 44.34 21.63 14.00
CA LEU C 224 43.61 22.60 13.21
C LEU C 224 43.79 24.01 13.77
N GLY C 225 44.48 24.10 14.90
CA GLY C 225 44.70 25.39 15.53
C GLY C 225 43.55 25.72 16.46
N THR C 226 43.78 26.53 17.48
CA THR C 226 42.72 26.84 18.42
C THR C 226 41.80 27.94 17.90
N PRO C 227 40.52 27.61 17.73
CA PRO C 227 39.54 28.55 17.15
C PRO C 227 39.35 29.84 17.94
N ASP C 228 39.28 30.95 17.21
CA ASP C 228 38.97 32.26 17.78
C ASP C 228 37.77 32.87 17.07
N GLU C 229 37.36 34.06 17.48
CA GLU C 229 36.14 34.70 16.96
C GLU C 229 36.19 35.03 15.47
N VAL C 230 37.39 35.01 14.90
CA VAL C 230 37.55 35.26 13.46
C VAL C 230 37.27 34.00 12.66
N VAL C 231 37.87 32.88 13.10
CA VAL C 231 37.74 31.61 12.42
C VAL C 231 36.35 31.00 12.64
N TRP C 232 35.70 31.41 13.72
CA TRP C 232 34.42 30.84 14.13
C TRP C 232 33.66 31.84 15.00
N PRO C 233 32.92 32.77 14.37
CA PRO C 233 32.20 33.75 15.19
C PRO C 233 31.31 33.07 16.23
N GLY C 234 31.58 33.35 17.50
CA GLY C 234 30.72 32.82 18.54
C GLY C 234 31.34 31.74 19.42
N VAL C 235 32.48 31.18 19.03
CA VAL C 235 33.06 30.06 19.78
C VAL C 235 33.15 30.42 21.25
N THR C 236 33.64 31.63 21.50
CA THR C 236 34.01 32.02 22.85
C THR C 236 32.80 32.22 23.74
N SER C 237 31.60 32.10 23.16
CA SER C 237 30.36 32.27 23.91
C SER C 237 29.68 30.93 24.21
N MET C 238 30.20 29.85 23.59
CA MET C 238 29.62 28.52 23.77
C MET C 238 29.78 28.01 25.20
N PRO C 239 28.81 27.22 25.68
CA PRO C 239 28.75 26.81 27.09
C PRO C 239 30.04 26.21 27.65
N ASP C 240 30.67 25.30 26.91
CA ASP C 240 31.82 24.57 27.42
C ASP C 240 33.16 25.14 26.94
N TYR C 241 33.13 26.32 26.32
CA TYR C 241 34.35 27.00 25.94
C TYR C 241 34.92 27.78 27.13
N LYS C 242 36.22 27.64 27.35
CA LYS C 242 36.94 28.43 28.34
C LYS C 242 37.97 29.31 27.63
N PRO C 243 38.19 30.54 28.12
CA PRO C 243 39.25 31.39 27.58
C PRO C 243 40.64 30.91 27.98
N SER C 244 40.68 30.02 28.97
CA SER C 244 41.93 29.41 29.44
C SER C 244 42.41 28.28 28.53
N PHE C 245 41.98 28.29 27.28
CA PHE C 245 42.42 27.28 26.32
C PHE C 245 43.77 27.68 25.73
N PRO C 246 44.71 26.74 25.66
CA PRO C 246 46.00 26.99 25.02
C PRO C 246 45.82 27.29 23.55
N LYS C 247 46.55 28.27 23.04
CA LYS C 247 46.52 28.57 21.62
C LYS C 247 47.56 27.75 20.87
N TRP C 248 47.08 26.77 20.11
CA TRP C 248 47.91 26.03 19.18
C TRP C 248 47.78 26.64 17.78
N ALA C 249 48.72 26.29 16.91
CA ALA C 249 48.73 26.84 15.56
C ALA C 249 48.22 25.79 14.57
N ARG C 250 47.73 26.22 13.41
CA ARG C 250 47.16 25.27 12.48
C ARG C 250 48.24 24.47 11.79
N GLN C 251 48.27 23.16 12.06
CA GLN C 251 49.21 22.26 11.38
C GLN C 251 49.03 22.37 9.87
N ASP C 252 50.13 22.29 9.13
CA ASP C 252 50.07 22.34 7.68
C ASP C 252 49.49 21.02 7.16
N PHE C 253 48.57 21.09 6.20
CA PHE C 253 47.77 19.93 5.87
C PHE C 253 48.51 18.88 5.05
N SER C 254 49.60 19.28 4.41
CA SER C 254 50.42 18.33 3.67
C SER C 254 51.21 17.42 4.62
N LYS C 255 51.27 17.83 5.89
CA LYS C 255 51.86 17.00 6.93
C LYS C 255 50.81 16.12 7.60
N VAL C 256 49.60 16.67 7.73
CA VAL C 256 48.51 15.96 8.37
C VAL C 256 48.01 14.80 7.51
N VAL C 257 47.86 15.04 6.22
CA VAL C 257 47.61 13.96 5.27
C VAL C 257 48.51 14.06 4.04
N PRO C 258 49.70 13.44 4.12
CA PRO C 258 50.71 13.48 3.06
C PRO C 258 50.23 12.91 1.71
N PRO C 259 49.65 11.69 1.72
CA PRO C 259 49.34 10.97 0.47
C PRO C 259 48.36 11.70 -0.43
N LEU C 260 47.79 12.81 0.04
CA LEU C 260 46.75 13.51 -0.69
C LEU C 260 47.33 14.59 -1.59
N ASP C 261 46.72 14.77 -2.75
CA ASP C 261 47.04 15.85 -3.66
C ASP C 261 46.42 17.16 -3.17
N GLU C 262 46.48 18.20 -4.00
CA GLU C 262 45.98 19.53 -3.63
C GLU C 262 44.46 19.54 -3.46
N ASP C 263 43.78 18.70 -4.24
CA ASP C 263 42.31 18.58 -4.18
C ASP C 263 41.84 17.82 -2.94
N GLY C 264 42.46 16.68 -2.69
CA GLY C 264 42.14 15.93 -1.49
C GLY C 264 42.31 16.75 -0.23
N ARG C 265 43.35 17.58 -0.19
CA ARG C 265 43.59 18.41 0.99
C ARG C 265 42.55 19.50 1.10
N SER C 266 42.14 20.06 -0.03
CA SER C 266 41.17 21.15 -0.05
C SER C 266 39.84 20.68 0.49
N LEU C 267 39.36 19.56 -0.04
CA LEU C 267 38.09 19.00 0.38
C LEU C 267 38.10 18.75 1.88
N LEU C 268 39.12 18.04 2.36
CA LEU C 268 39.20 17.65 3.77
C LEU C 268 39.19 18.86 4.70
N SER C 269 39.87 19.92 4.29
CA SER C 269 39.92 21.12 5.10
C SER C 269 38.57 21.81 5.15
N GLN C 270 37.73 21.54 4.15
CA GLN C 270 36.39 22.11 4.12
C GLN C 270 35.42 21.29 4.96
N MET C 271 35.66 19.98 5.01
CA MET C 271 34.89 19.10 5.87
C MET C 271 35.25 19.25 7.35
N LEU C 272 36.47 19.70 7.61
CA LEU C 272 36.91 19.88 8.99
C LEU C 272 36.84 21.32 9.44
N HIS C 273 36.09 22.13 8.70
CA HIS C 273 35.97 23.55 9.03
C HIS C 273 35.32 23.74 10.40
N TYR C 274 35.78 24.75 11.13
CA TYR C 274 35.37 24.90 12.53
C TYR C 274 33.91 25.33 12.68
N ASP C 275 33.56 26.44 12.03
CA ASP C 275 32.19 26.94 12.08
C ASP C 275 31.30 26.05 11.24
N PRO C 276 30.33 25.38 11.87
CA PRO C 276 29.43 24.44 11.19
C PRO C 276 28.71 25.11 10.02
N ASN C 277 28.32 26.36 10.21
CA ASN C 277 27.67 27.13 9.15
C ASN C 277 28.50 27.16 7.89
N LYS C 278 29.82 27.03 8.03
CA LYS C 278 30.73 27.18 6.90
C LYS C 278 31.29 25.84 6.45
N ARG C 279 31.09 24.82 7.28
CA ARG C 279 31.56 23.49 6.94
C ARG C 279 30.84 23.05 5.67
N ILE C 280 31.58 22.54 4.70
CA ILE C 280 31.01 22.21 3.40
C ILE C 280 29.87 21.20 3.54
N SER C 281 28.80 21.40 2.76
CA SER C 281 27.67 20.48 2.77
C SER C 281 27.97 19.27 1.90
N ALA C 282 27.18 18.21 2.05
CA ALA C 282 27.45 16.99 1.33
C ALA C 282 27.09 17.12 -0.16
N LYS C 283 26.06 17.93 -0.43
CA LYS C 283 25.66 18.19 -1.81
C LYS C 283 26.82 18.90 -2.50
N ALA C 284 27.42 19.84 -1.79
CA ALA C 284 28.52 20.64 -2.33
C ALA C 284 29.82 19.82 -2.41
N ALA C 285 30.02 18.90 -1.47
CA ALA C 285 31.23 18.12 -1.47
C ALA C 285 31.31 17.32 -2.77
N LEU C 286 30.15 16.92 -3.28
CA LEU C 286 30.09 16.10 -4.47
C LEU C 286 30.50 16.88 -5.72
N ALA C 287 30.43 18.21 -5.64
CA ALA C 287 30.80 19.06 -6.76
C ALA C 287 32.29 19.36 -6.75
N HIS C 288 32.98 19.00 -5.67
CA HIS C 288 34.39 19.35 -5.52
C HIS C 288 35.23 18.69 -6.61
N PRO C 289 36.29 19.39 -7.06
CA PRO C 289 37.21 18.94 -8.11
C PRO C 289 37.81 17.56 -7.80
N PHE C 290 38.08 17.33 -6.53
CA PHE C 290 38.62 16.06 -6.08
C PHE C 290 37.92 14.87 -6.75
N PHE C 291 36.63 15.02 -7.06
CA PHE C 291 35.84 13.90 -7.55
C PHE C 291 35.70 13.88 -9.07
N GLN C 292 36.41 14.79 -9.74
CA GLN C 292 36.30 14.95 -11.18
C GLN C 292 36.63 13.66 -11.92
N ASP C 293 37.58 12.90 -11.38
CA ASP C 293 38.10 11.72 -12.04
C ASP C 293 37.65 10.41 -11.38
N VAL C 294 36.68 10.51 -10.46
CA VAL C 294 36.33 9.38 -9.61
C VAL C 294 35.93 8.14 -10.40
N THR C 295 36.16 6.98 -9.82
CA THR C 295 35.81 5.71 -10.47
C THR C 295 35.34 4.72 -9.41
N LYS C 296 35.08 3.47 -9.81
CA LYS C 296 34.55 2.47 -8.91
C LYS C 296 35.41 1.22 -8.88
N PRO C 297 36.60 1.31 -8.29
CA PRO C 297 37.45 0.12 -8.13
C PRO C 297 36.68 -0.92 -7.34
N VAL C 298 37.11 -2.18 -7.39
CA VAL C 298 36.56 -3.18 -6.48
C VAL C 298 37.61 -3.59 -5.46
N PRO C 299 37.22 -3.68 -4.19
CA PRO C 299 38.17 -4.09 -3.15
C PRO C 299 38.52 -5.56 -3.31
N HIS C 300 39.73 -5.91 -2.90
CA HIS C 300 40.08 -7.30 -2.66
C HIS C 300 39.70 -7.60 -1.21
N LEU C 301 38.60 -8.34 -1.03
CA LEU C 301 38.11 -8.61 0.32
C LEU C 301 38.54 -9.98 0.80
N ARG C 302 39.33 -10.00 1.87
CA ARG C 302 39.69 -11.25 2.49
C ARG C 302 38.57 -11.65 3.44
N LEU C 303 37.64 -12.45 2.92
CA LEU C 303 36.51 -12.91 3.72
C LEU C 303 36.99 -13.90 4.77
N PRO D 9 19.53 25.18 6.36
CA PRO D 9 20.92 24.90 5.94
C PRO D 9 21.14 25.19 4.45
N ASP D 10 21.65 24.19 3.74
CA ASP D 10 21.78 24.22 2.29
C ASP D 10 20.64 23.38 1.70
N TYR D 11 19.99 22.61 2.56
CA TYR D 11 18.92 21.70 2.16
C TYR D 11 17.55 22.26 2.48
N HIS D 12 17.53 23.44 3.08
CA HIS D 12 16.28 24.09 3.50
C HIS D 12 15.19 23.92 2.45
N GLU D 13 15.52 24.19 1.20
CA GLU D 13 14.54 24.07 0.13
C GLU D 13 14.26 22.62 -0.25
N ASP D 14 15.28 21.78 -0.22
CA ASP D 14 15.09 20.36 -0.55
C ASP D 14 14.11 19.72 0.42
N ILE D 15 14.17 20.14 1.68
CA ILE D 15 13.39 19.54 2.76
C ILE D 15 11.94 20.03 2.72
N HIS D 16 11.77 21.32 2.47
CA HIS D 16 10.44 21.90 2.32
C HIS D 16 9.68 21.19 1.19
N THR D 17 10.32 21.07 0.04
CA THR D 17 9.75 20.35 -1.10
C THR D 17 9.34 18.93 -0.71
N TYR D 18 10.18 18.29 0.10
CA TYR D 18 9.94 16.91 0.50
C TYR D 18 8.80 16.85 1.52
N LEU D 19 8.73 17.85 2.40
CA LEU D 19 7.66 17.92 3.38
C LEU D 19 6.34 18.11 2.65
N ARG D 20 6.36 18.97 1.64
CA ARG D 20 5.17 19.25 0.85
C ARG D 20 4.71 17.99 0.12
N GLU D 21 5.67 17.23 -0.42
CA GLU D 21 5.37 15.92 -1.01
C GLU D 21 4.74 15.04 0.05
N MET D 22 5.42 14.89 1.18
CA MET D 22 4.98 13.95 2.18
C MET D 22 3.63 14.27 2.81
N GLU D 23 3.31 15.55 2.96
CA GLU D 23 2.09 15.88 3.71
C GLU D 23 0.86 15.43 2.94
N VAL D 24 0.96 15.43 1.62
CA VAL D 24 -0.10 14.90 0.80
C VAL D 24 -0.32 13.38 0.94
N LYS D 25 0.75 12.64 1.19
CA LYS D 25 0.63 11.19 1.38
C LYS D 25 0.23 10.80 2.80
N CYS D 26 0.81 11.46 3.80
CA CYS D 26 0.52 11.14 5.19
C CYS D 26 -0.80 11.75 5.65
N LYS D 27 -1.73 11.95 4.70
CA LYS D 27 -3.00 12.62 4.96
C LYS D 27 -4.11 11.63 5.32
N PRO D 28 -4.88 11.91 6.38
CA PRO D 28 -6.05 11.14 6.82
C PRO D 28 -7.33 11.42 6.03
N LYS D 29 -8.20 10.42 5.89
CA LYS D 29 -9.50 10.58 5.24
C LYS D 29 -10.30 11.73 5.87
N VAL D 30 -10.55 12.80 5.13
CA VAL D 30 -11.24 13.97 5.68
C VAL D 30 -12.64 13.66 6.24
N GLY D 31 -13.27 12.60 5.75
CA GLY D 31 -14.60 12.30 6.22
C GLY D 31 -14.74 11.05 7.09
N TYR D 32 -13.66 10.63 7.74
CA TYR D 32 -13.70 9.35 8.44
C TYR D 32 -14.71 9.32 9.57
N MET D 33 -14.99 10.47 10.18
CA MET D 33 -15.81 10.46 11.39
C MET D 33 -17.27 10.09 11.11
N LYS D 34 -17.79 10.51 9.96
CA LYS D 34 -19.16 10.16 9.58
C LYS D 34 -19.28 8.63 9.51
N LYS D 35 -18.21 7.96 9.13
CA LYS D 35 -18.22 6.52 8.89
C LYS D 35 -17.95 5.76 10.18
N GLN D 36 -17.71 6.51 11.24
CA GLN D 36 -17.32 5.91 12.50
C GLN D 36 -18.55 5.80 13.40
N PRO D 37 -18.97 4.57 13.75
CA PRO D 37 -20.30 4.30 14.30
C PRO D 37 -20.57 4.84 15.69
N ASP D 38 -19.53 5.03 16.49
CA ASP D 38 -19.75 5.24 17.90
C ASP D 38 -19.03 6.45 18.48
N ILE D 39 -18.09 7.03 17.73
CA ILE D 39 -17.43 8.22 18.25
C ILE D 39 -17.65 9.42 17.35
N THR D 40 -17.13 10.55 17.79
CA THR D 40 -17.74 11.84 17.53
C THR D 40 -16.65 12.89 17.50
N ASN D 41 -16.83 13.97 16.74
CA ASN D 41 -15.83 15.02 16.75
C ASN D 41 -15.63 15.58 18.15
N SER D 42 -16.69 15.60 18.93
CA SER D 42 -16.60 16.10 20.29
C SER D 42 -15.80 15.17 21.18
N MET D 43 -15.97 13.86 21.00
CA MET D 43 -15.17 12.92 21.76
C MET D 43 -13.69 13.08 21.40
N ARG D 44 -13.43 13.36 20.14
CA ARG D 44 -12.06 13.48 19.66
C ARG D 44 -11.44 14.75 20.24
N ALA D 45 -12.24 15.79 20.30
CA ALA D 45 -11.77 17.07 20.81
C ALA D 45 -11.46 16.92 22.29
N ILE D 46 -12.35 16.25 23.02
CA ILE D 46 -12.05 15.96 24.41
C ILE D 46 -10.75 15.17 24.54
N LEU D 47 -10.56 14.19 23.67
CA LEU D 47 -9.32 13.43 23.64
C LEU D 47 -8.09 14.30 23.38
N VAL D 48 -8.13 15.11 22.33
CA VAL D 48 -6.94 15.89 22.00
C VAL D 48 -6.64 16.88 23.10
N ASP D 49 -7.69 17.38 23.77
CA ASP D 49 -7.50 18.37 24.81
C ASP D 49 -6.83 17.71 26.01
N TRP D 50 -7.17 16.45 26.23
CA TRP D 50 -6.52 15.66 27.26
C TRP D 50 -5.04 15.44 26.94
N LEU D 51 -4.74 15.17 25.66
CA LEU D 51 -3.36 14.92 25.27
C LEU D 51 -2.51 16.16 25.53
N VAL D 52 -3.10 17.34 25.40
CA VAL D 52 -2.38 18.56 25.69
C VAL D 52 -1.98 18.59 27.16
N GLU D 53 -2.94 18.29 28.04
CA GLU D 53 -2.66 18.21 29.46
C GLU D 53 -1.52 17.24 29.74
N VAL D 54 -1.66 16.01 29.25
CA VAL D 54 -0.62 15.02 29.45
C VAL D 54 0.73 15.61 29.04
N GLY D 55 0.73 16.35 27.93
CA GLY D 55 1.96 16.93 27.44
C GLY D 55 2.55 17.92 28.43
N GLU D 56 1.68 18.66 29.11
CA GLU D 56 2.12 19.61 30.11
C GLU D 56 2.64 18.92 31.38
N GLU D 57 1.97 17.85 31.81
CA GLU D 57 2.40 17.12 32.99
C GLU D 57 3.78 16.50 32.79
N TYR D 58 3.97 15.83 31.66
CA TYR D 58 5.21 15.11 31.39
C TYR D 58 6.21 15.95 30.60
N LYS D 59 5.86 17.22 30.37
CA LYS D 59 6.78 18.16 29.77
C LYS D 59 7.27 17.71 28.40
N LEU D 60 6.36 17.22 27.56
CA LEU D 60 6.71 16.79 26.22
C LEU D 60 6.72 17.95 25.22
N GLN D 61 7.48 17.77 24.14
CA GLN D 61 7.56 18.73 23.03
C GLN D 61 6.21 18.93 22.31
N ASN D 62 5.97 20.14 21.80
CA ASN D 62 4.78 20.36 20.98
C ASN D 62 4.72 19.42 19.78
N GLU D 63 5.86 19.22 19.14
CA GLU D 63 5.94 18.30 18.01
C GLU D 63 5.34 16.93 18.37
N THR D 64 5.59 16.47 19.59
CA THR D 64 5.07 15.18 20.03
C THR D 64 3.55 15.16 20.01
N LEU D 65 2.96 16.25 20.52
CA LEU D 65 1.53 16.42 20.50
C LEU D 65 0.99 16.34 19.06
N HIS D 66 1.58 17.10 18.14
CA HIS D 66 1.14 17.10 16.76
C HIS D 66 1.27 15.72 16.11
N LEU D 67 2.37 15.03 16.36
CA LEU D 67 2.56 13.71 15.76
C LEU D 67 1.49 12.76 16.28
N ALA D 68 1.20 12.86 17.58
CA ALA D 68 0.23 11.96 18.17
C ALA D 68 -1.15 12.11 17.52
N VAL D 69 -1.56 13.35 17.24
CA VAL D 69 -2.85 13.59 16.62
C VAL D 69 -2.86 13.06 15.18
N ASN D 70 -1.78 13.29 14.45
CA ASN D 70 -1.60 12.68 13.13
C ASN D 70 -1.84 11.17 13.19
N TYR D 71 -1.23 10.51 14.17
CA TYR D 71 -1.34 9.06 14.29
C TYR D 71 -2.78 8.66 14.56
N ILE D 72 -3.41 9.32 15.52
CA ILE D 72 -4.79 9.03 15.88
C ILE D 72 -5.72 9.20 14.67
N ASP D 73 -5.57 10.30 13.94
CA ASP D 73 -6.44 10.58 12.82
C ASP D 73 -6.26 9.56 11.70
N ARG D 74 -5.03 9.18 11.40
CA ARG D 74 -4.81 8.17 10.36
C ARG D 74 -5.38 6.83 10.80
N PHE D 75 -5.19 6.49 12.07
CA PHE D 75 -5.66 5.22 12.61
C PHE D 75 -7.19 5.12 12.59
N LEU D 76 -7.87 6.20 13.00
CA LEU D 76 -9.33 6.25 12.97
C LEU D 76 -9.89 6.25 11.53
N SER D 77 -9.03 6.65 10.59
CA SER D 77 -9.34 6.61 9.17
C SER D 77 -9.61 5.19 8.62
N SER D 78 -9.12 4.17 9.30
CA SER D 78 -9.32 2.81 8.82
C SER D 78 -9.75 1.79 9.87
N MET D 79 -10.02 2.24 11.09
CA MET D 79 -10.49 1.31 12.12
C MET D 79 -11.64 1.89 12.94
N SER D 80 -12.67 1.08 13.12
CA SER D 80 -13.75 1.43 14.02
C SER D 80 -13.25 1.27 15.45
N VAL D 81 -13.59 2.25 16.29
CA VAL D 81 -13.19 2.25 17.69
C VAL D 81 -14.40 2.69 18.53
N LEU D 82 -14.70 1.96 19.61
CA LEU D 82 -15.78 2.31 20.53
C LEU D 82 -15.33 3.39 21.53
N ARG D 83 -16.29 4.06 22.17
CA ARG D 83 -15.99 5.14 23.13
C ARG D 83 -14.94 4.70 24.12
N GLY D 84 -15.15 3.51 24.68
CA GLY D 84 -14.33 3.08 25.80
C GLY D 84 -12.90 2.77 25.42
N LYS D 85 -12.62 2.73 24.12
CA LYS D 85 -11.28 2.36 23.65
C LYS D 85 -10.55 3.52 22.96
N LEU D 86 -11.29 4.58 22.63
CA LEU D 86 -10.68 5.76 22.01
C LEU D 86 -9.51 6.31 22.83
N GLN D 87 -9.59 6.23 24.15
CA GLN D 87 -8.51 6.78 24.93
C GLN D 87 -7.29 5.86 24.91
N LEU D 88 -7.53 4.56 24.81
CA LEU D 88 -6.44 3.59 24.67
C LEU D 88 -5.67 3.83 23.36
N VAL D 89 -6.39 4.20 22.31
CA VAL D 89 -5.76 4.54 21.05
C VAL D 89 -4.91 5.78 21.24
N GLY D 90 -5.50 6.81 21.83
CA GLY D 90 -4.79 8.07 22.00
C GLY D 90 -3.56 7.91 22.88
N THR D 91 -3.63 7.00 23.86
CA THR D 91 -2.51 6.78 24.76
C THR D 91 -1.35 6.09 24.05
N ALA D 92 -1.67 5.10 23.22
CA ALA D 92 -0.64 4.41 22.48
C ALA D 92 -0.03 5.35 21.43
N ALA D 93 -0.85 6.27 20.91
CA ALA D 93 -0.35 7.24 19.93
C ALA D 93 0.66 8.17 20.60
N MET D 94 0.30 8.67 21.78
CA MET D 94 1.17 9.60 22.49
C MET D 94 2.48 8.87 22.81
N LEU D 95 2.38 7.62 23.25
CA LEU D 95 3.55 6.84 23.59
C LEU D 95 4.48 6.69 22.39
N LEU D 96 3.89 6.35 21.23
CA LEU D 96 4.68 6.18 20.01
C LEU D 96 5.34 7.49 19.58
N ALA D 97 4.59 8.58 19.62
CA ALA D 97 5.13 9.89 19.26
C ALA D 97 6.31 10.27 20.17
N SER D 98 6.25 9.84 21.42
CA SER D 98 7.29 10.18 22.39
C SER D 98 8.58 9.43 22.07
N LYS D 99 8.44 8.16 21.74
CA LYS D 99 9.60 7.37 21.38
C LYS D 99 10.25 7.94 20.14
N PHE D 100 9.44 8.50 19.25
CA PHE D 100 9.98 8.97 17.99
C PHE D 100 10.60 10.33 18.16
N GLU D 101 9.97 11.18 18.95
CA GLU D 101 10.35 12.58 18.98
C GLU D 101 11.23 12.99 20.19
N GLU D 102 10.88 12.52 21.39
CA GLU D 102 11.57 12.93 22.63
C GLU D 102 12.99 12.38 22.72
N ILE D 103 13.87 13.13 23.37
CA ILE D 103 15.24 12.68 23.61
C ILE D 103 15.27 11.42 24.47
N TYR D 104 14.45 11.38 25.52
CA TYR D 104 13.98 10.10 26.02
C TYR D 104 12.54 10.15 26.51
N PRO D 105 11.70 9.25 25.95
CA PRO D 105 10.25 9.20 26.17
C PRO D 105 9.97 8.72 27.58
N PRO D 106 8.83 9.13 28.16
CA PRO D 106 8.38 8.44 29.36
C PRO D 106 8.27 6.94 29.08
N GLU D 107 8.45 6.13 30.11
CA GLU D 107 8.27 4.69 29.96
C GLU D 107 6.77 4.40 29.94
N VAL D 108 6.42 3.16 29.58
CA VAL D 108 5.02 2.79 29.44
C VAL D 108 4.27 2.96 30.74
N ALA D 109 4.91 2.64 31.85
CA ALA D 109 4.27 2.73 33.16
C ALA D 109 3.65 4.11 33.37
N GLU D 110 4.34 5.14 32.89
CA GLU D 110 3.89 6.49 33.16
C GLU D 110 2.70 6.90 32.29
N PHE D 111 2.56 6.28 31.13
CA PHE D 111 1.36 6.51 30.34
C PHE D 111 0.17 5.74 30.91
N VAL D 112 0.40 4.56 31.49
CA VAL D 112 -0.69 3.87 32.17
C VAL D 112 -1.18 4.66 33.40
N TYR D 113 -0.27 5.36 34.10
CA TYR D 113 -0.65 6.17 35.25
C TYR D 113 -1.64 7.29 34.93
N ILE D 114 -1.41 8.05 33.85
CA ILE D 114 -2.30 9.17 33.56
C ILE D 114 -3.56 8.80 32.79
N THR D 115 -3.71 7.53 32.40
CA THR D 115 -5.03 7.06 31.98
C THR D 115 -5.87 6.65 33.19
N ASP D 116 -5.27 6.74 34.38
CA ASP D 116 -5.95 6.50 35.66
C ASP D 116 -6.27 5.04 35.92
N ASP D 117 -5.41 4.14 35.45
CA ASP D 117 -5.66 2.72 35.56
C ASP D 117 -7.05 2.34 35.04
N THR D 118 -7.48 3.04 33.98
CA THR D 118 -8.55 2.53 33.15
C THR D 118 -8.01 1.40 32.25
N TYR D 119 -6.73 1.49 31.88
CA TYR D 119 -6.10 0.46 31.04
C TYR D 119 -4.85 -0.15 31.66
N THR D 120 -4.43 -1.30 31.14
CA THR D 120 -3.27 -2.04 31.65
C THR D 120 -2.01 -1.73 30.87
N LYS D 121 -0.85 -1.94 31.48
CA LYS D 121 0.41 -1.92 30.72
C LYS D 121 0.30 -2.83 29.49
N LYS D 122 -0.23 -4.03 29.71
CA LYS D 122 -0.39 -5.01 28.66
C LYS D 122 -1.24 -4.47 27.53
N GLN D 123 -2.39 -3.87 27.86
CA GLN D 123 -3.26 -3.33 26.82
C GLN D 123 -2.60 -2.23 26.01
N VAL D 124 -1.85 -1.36 26.68
CA VAL D 124 -1.26 -0.23 26.00
C VAL D 124 -0.17 -0.69 25.03
N LEU D 125 0.60 -1.69 25.43
CA LEU D 125 1.62 -2.24 24.55
C LEU D 125 0.97 -3.04 23.41
N ARG D 126 -0.15 -3.68 23.68
CA ARG D 126 -0.92 -4.37 22.66
C ARG D 126 -1.40 -3.33 21.63
N MET D 127 -1.92 -2.21 22.10
CA MET D 127 -2.43 -1.18 21.22
C MET D 127 -1.29 -0.52 20.44
N GLU D 128 -0.09 -0.48 21.04
CA GLU D 128 1.07 0.09 20.38
C GLU D 128 1.40 -0.76 19.16
N HIS D 129 1.33 -2.08 19.35
CA HIS D 129 1.59 -3.02 18.28
C HIS D 129 0.59 -2.80 17.15
N LEU D 130 -0.69 -2.70 17.51
CA LEU D 130 -1.75 -2.55 16.52
C LEU D 130 -1.66 -1.22 15.77
N VAL D 131 -1.31 -0.14 16.45
CA VAL D 131 -1.16 1.15 15.77
C VAL D 131 0.02 1.14 14.82
N LEU D 132 1.12 0.55 15.25
CA LEU D 132 2.26 0.37 14.35
C LEU D 132 1.83 -0.42 13.12
N LYS D 133 1.17 -1.56 13.30
CA LYS D 133 0.69 -2.34 12.16
C LYS D 133 -0.17 -1.49 11.22
N VAL D 134 -1.20 -0.85 11.78
CA VAL D 134 -2.13 -0.08 10.97
C VAL D 134 -1.47 1.09 10.25
N LEU D 135 -0.48 1.72 10.88
CA LEU D 135 0.24 2.80 10.23
C LEU D 135 1.49 2.29 9.48
N THR D 136 1.65 0.97 9.42
CA THR D 136 2.80 0.34 8.78
C THR D 136 4.12 1.05 9.11
N PHE D 137 4.30 1.35 10.40
CA PHE D 137 5.54 1.94 10.91
C PHE D 137 5.94 3.25 10.27
N ASP D 138 5.01 3.92 9.61
CA ASP D 138 5.32 5.21 9.01
C ASP D 138 4.96 6.34 9.95
N LEU D 139 5.95 6.78 10.73
CA LEU D 139 5.67 7.72 11.82
C LEU D 139 6.23 9.11 11.58
N ALA D 140 7.13 9.25 10.63
CA ALA D 140 7.78 10.53 10.41
C ALA D 140 6.90 11.48 9.62
N ALA D 141 5.69 11.76 10.11
CA ALA D 141 4.74 12.58 9.35
C ALA D 141 5.01 14.07 9.51
N PRO D 142 4.73 14.84 8.45
CA PRO D 142 4.83 16.31 8.52
C PRO D 142 3.73 16.88 9.42
N THR D 143 4.03 17.99 10.10
CA THR D 143 3.11 18.55 11.09
C THR D 143 3.06 20.04 10.89
N VAL D 144 2.00 20.68 11.36
CA VAL D 144 1.95 22.14 11.36
C VAL D 144 3.24 22.70 11.95
N ASN D 145 3.69 22.05 13.02
CA ASN D 145 4.88 22.48 13.73
C ASN D 145 6.09 22.58 12.80
N GLN D 146 6.34 21.53 12.02
CA GLN D 146 7.51 21.54 11.15
C GLN D 146 7.44 22.68 10.14
N PHE D 147 6.25 22.94 9.59
CA PHE D 147 6.12 24.03 8.63
C PHE D 147 6.25 25.40 9.30
N LEU D 148 5.70 25.56 10.49
CA LEU D 148 5.88 26.82 11.24
C LEU D 148 7.37 27.12 11.49
N THR D 149 8.13 26.07 11.74
CA THR D 149 9.57 26.20 11.98
C THR D 149 10.31 26.69 10.74
N GLN D 150 9.92 26.19 9.56
CA GLN D 150 10.46 26.69 8.30
C GLN D 150 10.10 28.15 8.12
N TYR D 151 8.82 28.47 8.34
CA TYR D 151 8.32 29.80 8.06
C TYR D 151 8.96 30.81 8.99
N PHE D 152 9.29 30.39 10.21
CA PHE D 152 9.85 31.32 11.19
C PHE D 152 11.20 31.90 10.74
N LEU D 153 11.99 31.13 10.02
CA LEU D 153 13.26 31.61 9.49
C LEU D 153 13.10 32.84 8.60
N HIS D 154 11.89 33.05 8.07
CA HIS D 154 11.61 34.13 7.14
C HIS D 154 11.06 35.37 7.84
N GLN D 155 11.26 35.46 9.15
CA GLN D 155 11.02 36.71 9.85
C GLN D 155 12.23 37.61 9.67
N GLN D 156 12.03 38.79 9.10
CA GLN D 156 13.14 39.73 8.94
C GLN D 156 13.63 40.16 10.32
N PRO D 157 12.75 40.76 11.14
CA PRO D 157 13.04 40.74 12.58
C PRO D 157 12.28 39.58 13.23
N ALA D 158 12.99 38.71 13.94
CA ALA D 158 12.32 37.62 14.65
C ALA D 158 11.65 38.13 15.92
N ASN D 159 10.41 37.72 16.13
CA ASN D 159 9.62 38.21 17.25
C ASN D 159 9.00 37.05 18.01
N CYS D 160 9.31 36.97 19.30
CA CYS D 160 8.97 35.80 20.11
C CYS D 160 7.50 35.70 20.45
N LYS D 161 6.80 36.83 20.56
CA LYS D 161 5.37 36.78 20.77
C LYS D 161 4.66 36.25 19.52
N VAL D 162 5.17 36.60 18.35
CA VAL D 162 4.61 36.10 17.10
C VAL D 162 4.79 34.59 16.97
N GLU D 163 5.96 34.10 17.37
CA GLU D 163 6.22 32.67 17.31
C GLU D 163 5.33 31.90 18.28
N SER D 164 5.13 32.45 19.47
CA SER D 164 4.30 31.77 20.45
C SER D 164 2.84 31.82 20.03
N LEU D 165 2.41 32.96 19.50
CA LEU D 165 1.02 33.11 19.09
C LEU D 165 0.71 32.19 17.92
N ALA D 166 1.67 32.05 17.01
CA ALA D 166 1.50 31.18 15.85
C ALA D 166 1.38 29.73 16.29
N MET D 167 2.20 29.35 17.27
CA MET D 167 2.18 28.01 17.82
C MET D 167 0.83 27.73 18.47
N PHE D 168 0.31 28.76 19.12
CA PHE D 168 -0.96 28.68 19.83
C PHE D 168 -2.11 28.39 18.87
N LEU D 169 -2.10 29.08 17.72
CA LEU D 169 -3.17 28.95 16.75
C LEU D 169 -3.08 27.58 16.10
N GLY D 170 -1.88 27.21 15.72
CA GLY D 170 -1.67 25.89 15.15
C GLY D 170 -2.17 24.78 16.05
N GLU D 171 -2.01 24.96 17.36
CA GLU D 171 -2.36 23.91 18.30
C GLU D 171 -3.88 23.87 18.48
N LEU D 172 -4.51 25.04 18.51
CA LEU D 172 -5.97 25.12 18.55
C LEU D 172 -6.56 24.33 17.39
N SER D 173 -5.86 24.35 16.26
CA SER D 173 -6.38 23.71 15.06
C SER D 173 -6.49 22.20 15.24
N LEU D 174 -5.68 21.63 16.14
CA LEU D 174 -5.70 20.19 16.40
C LEU D 174 -6.98 19.72 17.08
N ILE D 175 -7.70 20.64 17.73
CA ILE D 175 -8.86 20.26 18.54
C ILE D 175 -10.06 19.85 17.71
N ASP D 176 -10.32 20.59 16.64
CA ASP D 176 -11.56 20.45 15.87
C ASP D 176 -11.35 19.82 14.49
N ALA D 177 -11.60 18.52 14.38
CA ALA D 177 -11.45 17.82 13.12
C ALA D 177 -12.18 18.56 12.01
N ASP D 178 -13.36 19.09 12.32
CA ASP D 178 -14.06 19.97 11.41
C ASP D 178 -13.87 21.40 11.91
N PRO D 179 -13.29 22.29 11.08
CA PRO D 179 -12.95 22.17 9.66
C PRO D 179 -11.55 21.62 9.32
N TYR D 180 -10.61 21.68 10.26
CA TYR D 180 -9.19 21.59 9.91
C TYR D 180 -8.70 20.31 9.26
N LEU D 181 -9.39 19.19 9.47
CA LEU D 181 -9.01 17.95 8.82
C LEU D 181 -8.96 18.04 7.29
N LYS D 182 -9.57 19.09 6.73
CA LYS D 182 -9.58 19.23 5.29
C LYS D 182 -8.45 20.12 4.79
N TYR D 183 -7.77 20.82 5.70
CA TYR D 183 -6.57 21.58 5.31
C TYR D 183 -5.26 20.80 5.50
N LEU D 184 -4.27 21.14 4.69
CA LEU D 184 -2.94 20.57 4.86
C LEU D 184 -2.18 21.34 5.92
N PRO D 185 -1.22 20.67 6.56
CA PRO D 185 -0.31 21.25 7.55
C PRO D 185 0.40 22.52 7.06
N SER D 186 0.93 22.50 5.84
CA SER D 186 1.63 23.67 5.32
C SER D 186 0.69 24.85 5.23
N VAL D 187 -0.60 24.59 4.97
CA VAL D 187 -1.58 25.66 4.78
C VAL D 187 -2.06 26.22 6.12
N ILE D 188 -2.42 25.33 7.04
CA ILE D 188 -2.73 25.76 8.41
C ILE D 188 -1.59 26.59 9.01
N ALA D 189 -0.35 26.14 8.78
CA ALA D 189 0.83 26.87 9.26
C ALA D 189 0.87 28.26 8.63
N GLY D 190 0.57 28.32 7.34
CA GLY D 190 0.49 29.59 6.66
C GLY D 190 -0.51 30.52 7.33
N ALA D 191 -1.75 30.08 7.46
CA ALA D 191 -2.77 30.89 8.13
C ALA D 191 -2.34 31.28 9.54
N ALA D 192 -1.81 30.30 10.29
CA ALA D 192 -1.38 30.53 11.67
C ALA D 192 -0.25 31.55 11.75
N PHE D 193 0.70 31.48 10.82
CA PHE D 193 1.80 32.43 10.83
C PHE D 193 1.34 33.84 10.43
N HIS D 194 0.53 33.95 9.38
CA HIS D 194 0.00 35.26 9.01
C HIS D 194 -0.84 35.89 10.13
N LEU D 195 -1.81 35.16 10.66
CA LEU D 195 -2.70 35.68 11.69
C LEU D 195 -1.93 36.16 12.93
N ALA D 196 -0.94 35.38 13.35
CA ALA D 196 -0.10 35.75 14.49
C ALA D 196 0.68 37.03 14.19
N LEU D 197 1.30 37.06 13.02
CA LEU D 197 2.12 38.18 12.59
C LEU D 197 1.26 39.44 12.49
N TYR D 198 0.04 39.28 11.99
CA TYR D 198 -0.87 40.40 11.83
C TYR D 198 -1.36 40.89 13.20
N THR D 199 -1.66 39.96 14.10
CA THR D 199 -2.16 40.33 15.42
C THR D 199 -1.15 41.07 16.26
N VAL D 200 0.10 40.61 16.24
CA VAL D 200 1.14 41.18 17.09
C VAL D 200 1.78 42.44 16.49
N THR D 201 2.12 42.40 15.21
CA THR D 201 2.91 43.48 14.62
C THR D 201 2.16 44.24 13.52
N GLY D 202 1.09 43.66 13.00
CA GLY D 202 0.37 44.31 11.93
C GLY D 202 0.89 43.94 10.55
N GLN D 203 2.10 43.39 10.48
CA GLN D 203 2.66 42.91 9.21
C GLN D 203 1.82 41.78 8.61
N SER D 204 2.08 41.46 7.35
CA SER D 204 1.32 40.40 6.69
C SER D 204 2.20 39.31 6.12
N TRP D 205 1.56 38.20 5.76
CA TRP D 205 2.24 37.07 5.11
C TRP D 205 3.26 37.68 4.16
N PRO D 206 4.56 37.41 4.40
CA PRO D 206 5.64 38.12 3.71
C PRO D 206 5.95 37.58 2.31
N GLU D 207 6.47 38.44 1.46
CA GLU D 207 6.76 38.11 0.08
C GLU D 207 7.66 36.87 -0.03
N SER D 208 8.72 36.83 0.76
CA SER D 208 9.66 35.72 0.68
C SER D 208 8.99 34.35 0.87
N LEU D 209 7.94 34.29 1.68
CA LEU D 209 7.27 33.02 1.90
C LEU D 209 6.29 32.70 0.78
N ILE D 210 5.82 33.75 0.12
CA ILE D 210 5.03 33.57 -1.09
C ILE D 210 5.89 32.85 -2.12
N ARG D 211 7.14 33.29 -2.25
CA ARG D 211 8.08 32.64 -3.15
C ARG D 211 8.39 31.21 -2.71
N LYS D 212 8.65 31.05 -1.41
CA LYS D 212 9.03 29.74 -0.89
C LYS D 212 7.93 28.69 -1.11
N THR D 213 6.70 29.07 -0.80
CA THR D 213 5.59 28.11 -0.72
C THR D 213 4.65 28.18 -1.91
N GLY D 214 4.65 29.32 -2.59
CA GLY D 214 3.67 29.56 -3.63
C GLY D 214 2.29 29.88 -3.09
N TYR D 215 2.19 29.99 -1.77
CA TYR D 215 0.93 30.37 -1.12
C TYR D 215 0.80 31.88 -1.11
N THR D 216 -0.35 32.37 -1.56
CA THR D 216 -0.66 33.80 -1.52
C THR D 216 -1.71 34.03 -0.46
N LEU D 217 -1.77 35.26 0.04
CA LEU D 217 -2.77 35.61 1.03
C LEU D 217 -4.13 35.16 0.51
N GLU D 218 -4.27 35.16 -0.81
CA GLU D 218 -5.53 34.80 -1.46
C GLU D 218 -5.87 33.34 -1.27
N SER D 219 -4.88 32.48 -1.41
CA SER D 219 -5.11 31.04 -1.31
C SER D 219 -5.23 30.55 0.13
N LEU D 220 -4.67 31.31 1.07
CA LEU D 220 -4.79 30.97 2.48
C LEU D 220 -6.14 31.42 3.02
N LYS D 221 -6.80 32.29 2.25
CA LYS D 221 -8.00 32.97 2.72
C LYS D 221 -9.02 32.02 3.35
N PRO D 222 -9.33 30.90 2.69
CA PRO D 222 -10.33 29.98 3.24
C PRO D 222 -9.95 29.44 4.62
N CYS D 223 -8.73 28.93 4.74
CA CYS D 223 -8.25 28.39 6.00
C CYS D 223 -8.05 29.53 6.99
N LEU D 224 -7.68 30.68 6.47
CA LEU D 224 -7.44 31.84 7.30
C LEU D 224 -8.74 32.34 7.90
N MET D 225 -9.85 32.13 7.19
CA MET D 225 -11.16 32.59 7.64
C MET D 225 -11.62 31.73 8.79
N ASP D 226 -11.41 30.42 8.65
CA ASP D 226 -11.72 29.48 9.72
C ASP D 226 -10.87 29.76 10.96
N LEU D 227 -9.58 29.99 10.77
CA LEU D 227 -8.68 30.08 11.90
C LEU D 227 -9.01 31.32 12.70
N HIS D 228 -9.33 32.41 12.01
CA HIS D 228 -9.76 33.62 12.68
C HIS D 228 -11.03 33.39 13.51
N GLN D 229 -11.98 32.65 12.92
CA GLN D 229 -13.21 32.30 13.59
C GLN D 229 -12.92 31.53 14.90
N THR D 230 -12.10 30.49 14.79
CA THR D 230 -11.65 29.73 15.95
C THR D 230 -10.97 30.59 17.01
N TYR D 231 -10.11 31.49 16.56
CA TYR D 231 -9.35 32.35 17.45
C TYR D 231 -10.33 33.22 18.26
N LEU D 232 -11.28 33.81 17.57
CA LEU D 232 -12.26 34.69 18.20
C LEU D 232 -13.08 33.96 19.26
N LYS D 233 -13.41 32.70 18.99
CA LYS D 233 -14.32 31.95 19.85
C LYS D 233 -13.59 31.15 20.94
N ALA D 234 -12.27 31.14 20.89
CA ALA D 234 -11.49 30.23 21.74
C ALA D 234 -11.87 30.32 23.21
N PRO D 235 -12.23 31.51 23.69
CA PRO D 235 -12.64 31.60 25.10
C PRO D 235 -13.96 30.89 25.40
N GLN D 236 -14.75 30.61 24.37
CA GLN D 236 -16.04 29.96 24.54
C GLN D 236 -15.97 28.47 24.23
N HIS D 237 -14.77 27.97 23.95
CA HIS D 237 -14.65 26.58 23.55
C HIS D 237 -14.73 25.72 24.80
N ALA D 238 -15.44 24.61 24.68
CA ALA D 238 -15.57 23.65 25.78
C ALA D 238 -14.19 23.16 26.21
N GLN D 239 -13.25 23.08 25.27
CA GLN D 239 -11.90 22.61 25.57
C GLN D 239 -10.95 23.78 25.77
N GLN D 240 -10.32 23.85 26.95
CA GLN D 240 -9.56 25.01 27.38
C GLN D 240 -8.09 24.77 27.69
N SER D 241 -7.62 23.54 27.58
CA SER D 241 -6.25 23.24 28.01
C SER D 241 -5.18 23.99 27.23
N ILE D 242 -5.43 24.24 25.95
CA ILE D 242 -4.48 24.98 25.13
C ILE D 242 -4.37 26.45 25.53
N ARG D 243 -5.52 27.12 25.75
CA ARG D 243 -5.51 28.48 26.26
C ARG D 243 -4.81 28.58 27.62
N GLU D 244 -5.03 27.59 28.47
CA GLU D 244 -4.41 27.61 29.79
C GLU D 244 -2.91 27.48 29.64
N LYS D 245 -2.47 26.56 28.80
CA LYS D 245 -1.05 26.33 28.56
C LYS D 245 -0.36 27.59 28.03
N TYR D 246 -1.06 28.31 27.16
CA TYR D 246 -0.45 29.43 26.49
C TYR D 246 -0.64 30.76 27.22
N LYS D 247 -1.10 30.71 28.46
CA LYS D 247 -0.88 31.89 29.29
C LYS D 247 0.35 31.76 30.15
N ASN D 248 1.05 30.63 30.06
CA ASN D 248 2.34 30.49 30.72
C ASN D 248 3.29 31.56 30.22
N SER D 249 4.24 31.94 31.05
CA SER D 249 5.18 32.95 30.63
C SER D 249 6.20 32.39 29.64
N LYS D 250 6.33 31.08 29.54
CA LYS D 250 7.19 30.54 28.52
C LYS D 250 6.58 30.79 27.14
N TYR D 251 5.28 31.06 27.08
CA TYR D 251 4.66 31.49 25.82
C TYR D 251 4.24 32.95 25.83
N HIS D 252 4.83 33.73 26.72
CA HIS D 252 4.57 35.17 26.78
C HIS D 252 3.09 35.51 27.00
N GLY D 253 2.35 34.56 27.54
CA GLY D 253 0.93 34.78 27.80
C GLY D 253 0.12 35.18 26.58
N VAL D 254 0.50 34.68 25.40
CA VAL D 254 -0.15 35.12 24.16
C VAL D 254 -1.63 34.82 24.06
N SER D 255 -2.11 33.76 24.70
CA SER D 255 -3.52 33.40 24.56
C SER D 255 -4.43 34.42 25.23
N LEU D 256 -3.84 35.37 25.94
CA LEU D 256 -4.62 36.44 26.55
C LEU D 256 -4.68 37.66 25.62
N LEU D 257 -3.84 37.67 24.59
CA LEU D 257 -3.93 38.72 23.56
C LEU D 257 -5.31 38.76 22.93
N ASN D 258 -5.74 39.96 22.57
CA ASN D 258 -7.02 40.14 21.88
C ASN D 258 -6.85 39.87 20.39
N PRO D 259 -7.70 39.01 19.84
CA PRO D 259 -7.69 38.73 18.40
C PRO D 259 -8.15 39.96 17.62
N PRO D 260 -7.65 40.12 16.39
CA PRO D 260 -8.09 41.28 15.62
C PRO D 260 -9.57 41.19 15.27
N GLU D 261 -10.26 42.31 15.32
CA GLU D 261 -11.70 42.34 15.04
C GLU D 261 -11.96 41.91 13.60
N THR D 262 -11.13 42.40 12.68
CA THR D 262 -11.15 41.94 11.29
C THR D 262 -9.75 41.74 10.72
N LEU D 263 -9.59 40.72 9.89
CA LEU D 263 -8.45 40.65 9.02
C LEU D 263 -8.70 41.78 8.05
N ASN D 264 -7.90 41.90 7.02
CA ASN D 264 -8.19 42.94 6.04
C ASN D 264 -8.17 42.38 4.64
N LEU D 265 -8.95 41.33 4.42
CA LEU D 265 -8.89 40.60 3.16
C LEU D 265 -10.10 40.93 2.28
C1 WXV E . -20.09 -12.14 6.61
C2 WXV E . -19.95 -13.38 5.69
C3 WXV E . -21.70 -14.60 7.16
C4 WXV E . -20.76 -14.62 6.11
C5 WXV E . -20.82 -16.00 5.65
N6 WXV E . -21.71 -16.70 6.31
N7 WXV E . -22.24 -15.87 7.22
C8 WXV E . -23.30 -16.33 8.11
C9 WXV E . -20.00 -16.59 4.53
O10 WXV E . -19.17 -15.94 3.92
C11 WXV E . -21.19 -12.15 7.69
C12 WXV E . -21.99 -13.40 7.98
N13 WXV E . -22.92 -13.48 8.87
C14 WXV E . -23.19 -12.30 9.62
N15 WXV E . -22.56 -11.16 9.46
C16 WXV E . -21.56 -11.09 8.50
N17 WXV E . -24.15 -12.38 10.53
N18 WXV E . -20.32 -17.88 4.28
C19 WXV E . -24.93 -13.53 10.85
C20 WXV E . -25.75 -14.19 9.67
C21 WXV E . -27.25 -14.15 9.87
N22 WXV E . -27.67 -14.59 11.23
C23 WXV E . -26.79 -14.30 12.39
C24 WXV E . -25.80 -13.17 12.09
S25 WXV E . -29.07 -15.32 11.41
C26 WXV E . -28.69 -17.02 11.18
O27 WXV E . -29.51 -15.16 12.78
O28 WXV E . -29.94 -14.90 10.36
C29 WXV E . -19.73 -18.69 3.26
C1 WXV F . 22.30 -4.67 7.98
C2 WXV F . 22.35 -3.83 9.28
C3 WXV F . 24.36 -5.21 10.08
C4 WXV F . 23.34 -4.28 10.35
C5 WXV F . 23.54 -3.97 11.77
N6 WXV F . 24.54 -4.62 12.27
N7 WXV F . 25.05 -5.37 11.27
C8 WXV F . 26.20 -6.22 11.51
C9 WXV F . 22.74 -3.03 12.61
O10 WXV F . 21.78 -2.40 12.16
C11 WXV F . 23.52 -5.55 7.68
C12 WXV F . 24.58 -5.83 8.76
N13 WXV F . 25.63 -6.56 8.58
C14 WXV F . 25.79 -7.14 7.28
N15 WXV F . 24.96 -6.98 6.27
C16 WXV F . 23.83 -6.18 6.47
N17 WXV F . 26.88 -7.91 7.09
N18 WXV F . 23.20 -2.97 13.87
C19 WXV F . 27.90 -8.21 8.08
C20 WXV F . 28.77 -6.98 8.54
C21 WXV F . 30.23 -7.09 8.14
N22 WXV F . 30.84 -8.39 8.57
C23 WXV F . 30.03 -9.64 8.41
C24 WXV F . 28.77 -9.41 7.54
S25 WXV F . 32.35 -8.40 9.20
C26 WXV F . 32.05 -8.50 10.94
O27 WXV F . 33.01 -9.62 8.82
O28 WXV F . 32.97 -7.14 8.92
C29 WXV F . 22.65 -2.16 14.92
S SO4 G . -10.09 33.76 31.01
O1 SO4 G . -11.04 34.08 29.92
O2 SO4 G . -9.02 32.86 30.48
O3 SO4 G . -9.47 35.01 31.50
O4 SO4 G . -10.80 33.07 32.12
#